data_7C6G
#
_entry.id   7C6G
#
_cell.length_a   62.340
_cell.length_b   91.540
_cell.length_c   69.390
_cell.angle_alpha   90.000
_cell.angle_beta   112.510
_cell.angle_gamma   90.000
#
_symmetry.space_group_name_H-M   'P 1 21 1'
#
loop_
_entity.id
_entity.type
_entity.pdbx_description
1 polymer 'Sugar ABC transporter, periplasmic sugar-binding protein'
2 branched beta-D-glucopyranose-(1-6)-beta-D-glucopyranose
3 non-polymer 'CHLORIDE ION'
4 non-polymer 'SULFATE ION'
5 non-polymer S-1,2-PROPANEDIOL
6 non-polymer 'CARBON DIOXIDE'
7 non-polymer 1,2-ETHANEDIOL
8 non-polymer 'SULFITE ION'
9 water water
#
_entity_poly.entity_id   1
_entity_poly.type   'polypeptide(L)'
_entity_poly.pdbx_seq_one_letter_code
;MQKTLEVWIMPNSPQPAEDFKALVAPFEKAHGVEVKVTVLDWGVAWTKITTAATSGVGPDLTQLGTTWVGAISAMGVLEP
VDDVLEALGGEKAYLPAVWRTTRLEGARQATAVPWFSELRAFYYRTDALKAAGVNPAEMFASWQGFEAGLARLKASSFRD
PETKAPLAPLCTPGRTPRTLHNAAPWIWGAGGEIVRQAGGRWQSALNSPESLEGLYFFLSLAQKGYVPAESLEKNTAQIE
ADFQAGKCAVFASGPWMIQRAQVPEAKGGFAERTAAKNLGVAPYPAGPKGRYTFFGGSNLALFNFSKNKPLAKELLKYLG
GPEAQVRYAQMTGMLPALRSAWSDPSFQQNPLLRTFIQAAQFGRTYPSLAGWGGVENLAVQHLGMAWDLVAQGRLTREAL
KDLMDKASAAINQALRHHHHHH
;
_entity_poly.pdbx_strand_id   A,B
#
loop_
_chem_comp.id
_chem_comp.type
_chem_comp.name
_chem_comp.formula
BGC D-saccharide, beta linking beta-D-glucopyranose 'C6 H12 O6'
CL non-polymer 'CHLORIDE ION' 'Cl -1'
CO2 non-polymer 'CARBON DIOXIDE' 'C O2'
EDO non-polymer 1,2-ETHANEDIOL 'C2 H6 O2'
PGO non-polymer S-1,2-PROPANEDIOL 'C3 H8 O2'
SO3 non-polymer 'SULFITE ION' 'O3 S -2'
SO4 non-polymer 'SULFATE ION' 'O4 S -2'
#
# COMPACT_ATOMS: atom_id res chain seq x y z
N MET A 1 -26.15 5.94 -38.49
CA MET A 1 -25.02 6.33 -37.61
C MET A 1 -25.00 5.38 -36.41
N GLN A 2 -23.83 4.81 -36.16
CA GLN A 2 -23.66 3.80 -35.09
C GLN A 2 -23.97 4.41 -33.74
N LYS A 3 -24.66 3.65 -32.94
CA LYS A 3 -24.88 4.00 -31.53
C LYS A 3 -23.53 3.86 -30.79
N THR A 4 -23.46 4.46 -29.64
CA THR A 4 -22.20 4.36 -28.86
CA THR A 4 -22.20 4.36 -28.86
C THR A 4 -22.30 3.87 -27.37
N LEU A 5 -21.36 2.98 -27.05
CA LEU A 5 -21.20 2.50 -25.65
C LEU A 5 -19.74 2.74 -25.28
N GLU A 6 -19.50 3.06 -24.02
CA GLU A 6 -18.13 3.23 -23.47
C GLU A 6 -17.96 2.20 -22.37
N VAL A 7 -16.83 1.48 -22.39
CA VAL A 7 -16.46 0.58 -21.26
C VAL A 7 -15.04 0.90 -20.78
N TRP A 8 -14.90 0.97 -19.45
CA TRP A 8 -13.61 1.05 -18.76
C TRP A 8 -13.19 -0.34 -18.26
N ILE A 9 -11.98 -0.69 -18.60
CA ILE A 9 -11.37 -1.99 -18.18
C ILE A 9 -9.99 -1.77 -17.62
N MET A 10 -9.52 -2.80 -16.93
CA MET A 10 -8.17 -2.88 -16.36
C MET A 10 -7.36 -3.85 -17.21
N PRO A 11 -6.00 -3.85 -17.12
CA PRO A 11 -5.21 -4.70 -18.01
C PRO A 11 -5.36 -6.16 -17.62
N ASN A 12 -6.31 -6.84 -18.24
CA ASN A 12 -6.64 -8.22 -17.84
C ASN A 12 -5.89 -9.24 -18.69
N SER A 13 -5.40 -8.86 -19.88
CA SER A 13 -4.92 -9.78 -20.95
C SER A 13 -3.71 -9.11 -21.59
N PRO A 14 -2.97 -9.85 -22.46
CA PRO A 14 -1.75 -9.37 -23.09
C PRO A 14 -1.87 -8.06 -23.88
N GLN A 15 -2.92 -7.90 -24.67
CA GLN A 15 -3.20 -6.63 -25.37
C GLN A 15 -4.59 -6.23 -24.87
N PRO A 16 -4.72 -5.53 -23.72
CA PRO A 16 -6.02 -5.36 -23.09
C PRO A 16 -7.11 -4.83 -24.03
N ALA A 17 -6.81 -3.70 -24.70
CA ALA A 17 -7.79 -3.00 -25.56
C ALA A 17 -8.10 -3.88 -26.78
N GLU A 18 -7.06 -4.32 -27.48
CA GLU A 18 -7.27 -5.09 -28.72
C GLU A 18 -8.07 -6.37 -28.43
N ASP A 19 -7.70 -7.09 -27.40
CA ASP A 19 -8.39 -8.34 -26.97
C ASP A 19 -9.87 -8.05 -26.66
N PHE A 20 -10.14 -6.97 -25.93
CA PHE A 20 -11.52 -6.59 -25.54
C PHE A 20 -12.28 -6.18 -26.81
N LYS A 21 -11.65 -5.43 -27.68
CA LYS A 21 -12.26 -5.13 -29.01
C LYS A 21 -12.61 -6.41 -29.78
N ALA A 22 -11.74 -7.42 -29.80
CA ALA A 22 -12.06 -8.69 -30.50
C ALA A 22 -13.26 -9.36 -29.80
N LEU A 23 -13.27 -9.33 -28.49
CA LEU A 23 -14.31 -9.98 -27.69
C LEU A 23 -15.67 -9.39 -28.08
N VAL A 24 -15.80 -8.07 -28.21
CA VAL A 24 -17.14 -7.44 -28.44
C VAL A 24 -17.51 -7.23 -29.92
N ALA A 25 -16.63 -7.49 -30.87
CA ALA A 25 -16.88 -7.27 -32.31
C ALA A 25 -18.19 -7.93 -32.76
N PRO A 26 -18.52 -9.18 -32.33
CA PRO A 26 -19.79 -9.80 -32.68
C PRO A 26 -21.00 -9.04 -32.13
N PHE A 27 -20.89 -8.51 -30.89
CA PHE A 27 -21.97 -7.69 -30.30
C PHE A 27 -22.10 -6.41 -31.12
N GLU A 28 -20.99 -5.76 -31.47
CA GLU A 28 -21.02 -4.48 -32.23
C GLU A 28 -21.79 -4.68 -33.54
N LYS A 29 -21.47 -5.76 -34.23
CA LYS A 29 -22.06 -6.08 -35.55
C LYS A 29 -23.55 -6.41 -35.36
N ALA A 30 -23.92 -7.19 -34.33
CA ALA A 30 -25.34 -7.52 -34.04
C ALA A 30 -26.20 -6.30 -33.70
N HIS A 31 -25.71 -5.23 -33.08
CA HIS A 31 -26.56 -4.15 -32.51
C HIS A 31 -26.25 -2.79 -33.12
N GLY A 32 -25.48 -2.73 -34.21
CA GLY A 32 -25.08 -1.46 -34.86
C GLY A 32 -24.50 -0.47 -33.86
N VAL A 33 -23.54 -0.92 -33.03
CA VAL A 33 -23.00 -0.09 -31.90
C VAL A 33 -21.47 -0.19 -31.95
N GLU A 34 -20.77 0.92 -31.70
CA GLU A 34 -19.32 0.91 -31.46
C GLU A 34 -19.07 0.96 -29.96
N VAL A 35 -18.33 -0.01 -29.46
CA VAL A 35 -17.98 -0.04 -28.01
C VAL A 35 -16.59 0.55 -27.92
N LYS A 36 -16.49 1.74 -27.38
CA LYS A 36 -15.22 2.45 -27.08
C LYS A 36 -14.63 1.91 -25.76
N VAL A 37 -13.41 1.39 -25.79
CA VAL A 37 -12.83 0.79 -24.54
C VAL A 37 -11.72 1.74 -24.08
N THR A 38 -11.58 1.94 -22.78
CA THR A 38 -10.47 2.69 -22.18
C THR A 38 -9.83 1.82 -21.12
N VAL A 39 -8.50 1.61 -21.21
CA VAL A 39 -7.77 0.72 -20.27
C VAL A 39 -7.20 1.58 -19.14
N LEU A 40 -7.51 1.22 -17.92
CA LEU A 40 -6.90 1.86 -16.68
C LEU A 40 -6.03 0.87 -15.97
N ASP A 41 -4.80 1.32 -15.68
CA ASP A 41 -3.91 0.59 -14.78
C ASP A 41 -4.62 0.28 -13.46
N TRP A 42 -4.35 -0.87 -12.90
CA TRP A 42 -5.07 -1.32 -11.70
C TRP A 42 -4.88 -0.32 -10.54
N GLY A 43 -3.72 0.32 -10.51
CA GLY A 43 -3.38 1.29 -9.45
C GLY A 43 -4.16 2.59 -9.57
N VAL A 44 -4.63 2.99 -10.72
CA VAL A 44 -5.32 4.33 -10.84
C VAL A 44 -6.83 4.15 -11.04
N ALA A 45 -7.26 2.94 -11.38
CA ALA A 45 -8.63 2.70 -11.85
C ALA A 45 -9.64 3.09 -10.76
N TRP A 46 -9.39 2.75 -9.48
CA TRP A 46 -10.35 3.02 -8.41
C TRP A 46 -10.70 4.49 -8.33
N THR A 47 -9.69 5.36 -8.27
CA THR A 47 -9.89 6.83 -8.13
C THR A 47 -10.59 7.38 -9.39
N LYS A 48 -10.21 6.91 -10.55
CA LYS A 48 -10.84 7.34 -11.84
C LYS A 48 -12.31 6.99 -11.78
N ILE A 49 -12.61 5.81 -11.25
CA ILE A 49 -13.99 5.30 -11.21
C ILE A 49 -14.77 6.00 -10.12
N THR A 50 -14.21 6.36 -8.94
CA THR A 50 -14.97 7.15 -7.95
C THR A 50 -15.17 8.58 -8.46
N THR A 51 -14.24 9.16 -9.23
CA THR A 51 -14.36 10.54 -9.82
C THR A 51 -15.48 10.51 -10.86
N ALA A 52 -15.50 9.43 -11.66
CA ALA A 52 -16.54 9.21 -12.67
C ALA A 52 -17.85 9.17 -11.89
N ALA A 53 -17.94 8.33 -10.86
CA ALA A 53 -19.17 8.12 -10.09
C ALA A 53 -19.73 9.41 -9.50
N THR A 54 -18.90 10.18 -8.79
CA THR A 54 -19.35 11.40 -8.10
C THR A 54 -19.64 12.52 -9.08
N SER A 55 -18.87 12.62 -10.18
CA SER A 55 -19.07 13.67 -11.22
C SER A 55 -20.24 13.37 -12.16
N GLY A 56 -20.65 12.10 -12.32
CA GLY A 56 -21.77 11.74 -13.24
C GLY A 56 -21.33 11.78 -14.68
N VAL A 57 -20.02 11.76 -14.92
CA VAL A 57 -19.37 11.78 -16.24
C VAL A 57 -18.48 10.56 -16.26
N GLY A 58 -18.73 9.71 -17.22
CA GLY A 58 -17.85 8.54 -17.41
C GLY A 58 -18.48 7.57 -18.39
N PRO A 59 -18.08 6.28 -18.28
CA PRO A 59 -18.45 5.28 -19.25
C PRO A 59 -19.88 4.82 -18.97
N ASP A 60 -20.38 3.98 -19.84
CA ASP A 60 -21.65 3.23 -19.56
C ASP A 60 -21.30 2.15 -18.58
N LEU A 61 -20.33 1.29 -18.95
CA LEU A 61 -19.89 0.20 -18.06
C LEU A 61 -18.48 0.44 -17.54
N THR A 62 -18.21 -0.09 -16.34
CA THR A 62 -16.86 -0.16 -15.77
C THR A 62 -16.68 -1.56 -15.19
N GLN A 63 -15.49 -2.07 -15.44
CA GLN A 63 -14.91 -3.17 -14.66
C GLN A 63 -14.79 -2.71 -13.22
N LEU A 64 -14.97 -3.66 -12.32
CA LEU A 64 -14.72 -3.51 -10.89
C LEU A 64 -14.00 -4.77 -10.42
N GLY A 65 -12.95 -4.62 -9.61
CA GLY A 65 -12.53 -5.71 -8.70
C GLY A 65 -13.73 -6.16 -7.87
N THR A 66 -13.91 -7.46 -7.66
CA THR A 66 -15.01 -8.00 -6.81
C THR A 66 -14.98 -7.30 -5.46
N THR A 67 -13.81 -6.88 -4.97
CA THR A 67 -13.70 -6.34 -3.59
C THR A 67 -14.16 -4.88 -3.62
N TRP A 68 -14.34 -4.29 -4.81
CA TRP A 68 -14.81 -2.89 -5.00
C TRP A 68 -16.33 -2.74 -4.99
N VAL A 69 -17.07 -3.79 -5.25
CA VAL A 69 -18.52 -3.70 -5.56
C VAL A 69 -19.31 -3.04 -4.42
N GLY A 70 -19.04 -3.39 -3.18
CA GLY A 70 -19.75 -2.75 -2.06
C GLY A 70 -19.52 -1.27 -2.01
N ALA A 71 -18.27 -0.86 -2.04
CA ALA A 71 -17.91 0.57 -1.93
C ALA A 71 -18.62 1.38 -3.01
N ILE A 72 -18.56 0.93 -4.27
CA ILE A 72 -19.16 1.74 -5.36
C ILE A 72 -20.69 1.70 -5.21
N SER A 73 -21.27 0.54 -4.94
CA SER A 73 -22.74 0.36 -4.82
C SER A 73 -23.28 1.32 -3.74
N ALA A 74 -22.62 1.45 -2.61
CA ALA A 74 -23.08 2.28 -1.49
C ALA A 74 -23.06 3.75 -1.89
N MET A 75 -22.30 4.14 -2.91
CA MET A 75 -22.27 5.56 -3.40
C MET A 75 -23.59 5.88 -4.12
N GLY A 76 -24.39 4.88 -4.43
CA GLY A 76 -25.74 5.03 -5.02
C GLY A 76 -25.69 5.34 -6.50
N VAL A 77 -24.61 4.99 -7.19
CA VAL A 77 -24.37 5.45 -8.59
C VAL A 77 -24.61 4.31 -9.59
N LEU A 78 -24.93 3.11 -9.14
CA LEU A 78 -25.00 1.92 -10.05
C LEU A 78 -26.46 1.54 -10.28
N GLU A 79 -26.72 1.17 -11.53
CA GLU A 79 -28.04 0.70 -12.00
C GLU A 79 -28.23 -0.74 -11.55
N PRO A 80 -29.42 -1.10 -11.03
CA PRO A 80 -29.68 -2.50 -10.65
C PRO A 80 -29.59 -3.38 -11.90
N VAL A 81 -29.08 -4.58 -11.70
CA VAL A 81 -28.88 -5.58 -12.79
C VAL A 81 -29.45 -6.93 -12.35
N ASP A 82 -30.44 -6.97 -11.43
CA ASP A 82 -31.09 -8.27 -11.12
C ASP A 82 -31.69 -8.84 -12.41
N ASP A 83 -32.24 -8.00 -13.30
CA ASP A 83 -32.75 -8.43 -14.63
C ASP A 83 -31.69 -9.15 -15.46
N VAL A 84 -30.51 -8.55 -15.62
CA VAL A 84 -29.43 -9.18 -16.39
C VAL A 84 -29.07 -10.52 -15.72
N LEU A 85 -28.90 -10.55 -14.40
CA LEU A 85 -28.48 -11.78 -13.70
C LEU A 85 -29.54 -12.89 -13.88
N GLU A 86 -30.82 -12.52 -13.84
CA GLU A 86 -31.94 -13.46 -14.09
C GLU A 86 -31.84 -13.98 -15.52
N ALA A 87 -31.60 -13.12 -16.49
CA ALA A 87 -31.38 -13.50 -17.91
C ALA A 87 -30.24 -14.51 -18.07
N LEU A 88 -29.19 -14.46 -17.29
CA LEU A 88 -28.00 -15.37 -17.42
C LEU A 88 -28.19 -16.67 -16.63
N GLY A 89 -29.32 -16.85 -15.96
CA GLY A 89 -29.57 -18.10 -15.23
C GLY A 89 -29.84 -17.89 -13.75
N GLY A 90 -29.75 -16.68 -13.22
CA GLY A 90 -30.05 -16.46 -11.79
C GLY A 90 -29.00 -17.00 -10.84
N GLU A 91 -29.36 -17.01 -9.57
CA GLU A 91 -28.43 -17.37 -8.49
C GLU A 91 -27.79 -18.76 -8.74
N LYS A 92 -28.51 -19.72 -9.32
CA LYS A 92 -27.95 -21.08 -9.57
C LYS A 92 -26.81 -21.08 -10.61
N ALA A 93 -26.73 -20.07 -11.46
CA ALA A 93 -25.77 -19.99 -12.57
C ALA A 93 -24.39 -19.61 -12.02
N TYR A 94 -24.27 -19.29 -10.73
CA TYR A 94 -23.04 -18.77 -10.08
C TYR A 94 -22.64 -19.60 -8.85
N LEU A 95 -21.34 -19.79 -8.65
CA LEU A 95 -20.80 -20.26 -7.35
C LEU A 95 -21.30 -19.28 -6.29
N PRO A 96 -21.73 -19.76 -5.11
CA PRO A 96 -22.18 -18.89 -4.02
C PRO A 96 -21.21 -17.73 -3.72
N ALA A 97 -19.91 -17.99 -3.65
CA ALA A 97 -18.92 -16.94 -3.33
C ALA A 97 -18.90 -15.89 -4.47
N VAL A 98 -19.13 -16.30 -5.70
CA VAL A 98 -19.26 -15.34 -6.83
C VAL A 98 -20.56 -14.52 -6.75
N TRP A 99 -21.67 -15.18 -6.53
CA TRP A 99 -23.00 -14.50 -6.35
C TRP A 99 -22.93 -13.41 -5.26
N ARG A 100 -22.16 -13.64 -4.21
CA ARG A 100 -22.02 -12.69 -3.10
C ARG A 100 -21.42 -11.34 -3.60
N THR A 101 -20.68 -11.36 -4.72
CA THR A 101 -19.93 -10.17 -5.20
C THR A 101 -20.84 -9.38 -6.14
N THR A 102 -22.09 -9.83 -6.34
CA THR A 102 -23.05 -9.11 -7.23
C THR A 102 -23.69 -7.93 -6.50
N ARG A 103 -23.53 -7.79 -5.19
CA ARG A 103 -24.20 -6.69 -4.46
C ARG A 103 -23.38 -6.29 -3.25
N LEU A 104 -23.66 -5.06 -2.79
CA LEU A 104 -23.31 -4.60 -1.42
C LEU A 104 -23.86 -5.63 -0.44
N GLU A 105 -23.05 -6.02 0.52
CA GLU A 105 -23.52 -6.97 1.58
C GLU A 105 -24.86 -6.44 2.16
N GLY A 106 -25.88 -7.31 2.16
CA GLY A 106 -27.23 -7.07 2.69
C GLY A 106 -28.06 -6.10 1.84
N ALA A 107 -27.59 -5.65 0.68
CA ALA A 107 -28.39 -4.77 -0.19
C ALA A 107 -29.54 -5.56 -0.84
N ARG A 108 -30.60 -4.82 -1.16
CA ARG A 108 -31.87 -5.29 -1.78
C ARG A 108 -31.62 -5.71 -3.24
N GLN A 109 -30.80 -5.00 -4.02
CA GLN A 109 -30.68 -5.20 -5.48
C GLN A 109 -29.22 -5.47 -5.86
N ALA A 110 -29.00 -6.34 -6.82
CA ALA A 110 -27.68 -6.58 -7.49
C ALA A 110 -27.25 -5.34 -8.26
N THR A 111 -25.98 -4.98 -8.19
CA THR A 111 -25.40 -3.82 -8.91
C THR A 111 -24.18 -4.23 -9.74
N ALA A 112 -23.78 -5.49 -9.76
CA ALA A 112 -22.66 -5.91 -10.65
C ALA A 112 -22.91 -7.29 -11.22
N VAL A 113 -22.38 -7.48 -12.44
CA VAL A 113 -22.43 -8.75 -13.19
C VAL A 113 -21.06 -9.42 -13.13
N PRO A 114 -20.98 -10.70 -12.67
CA PRO A 114 -19.71 -11.39 -12.63
C PRO A 114 -19.10 -11.51 -14.05
N TRP A 115 -17.81 -11.18 -14.16
CA TRP A 115 -17.15 -11.24 -15.48
C TRP A 115 -16.17 -12.40 -15.51
N PHE A 116 -15.19 -12.40 -14.60
CA PHE A 116 -14.22 -13.50 -14.52
C PHE A 116 -13.77 -13.68 -13.10
N SER A 117 -13.31 -14.89 -12.82
CA SER A 117 -12.87 -15.26 -11.46
C SER A 117 -11.37 -15.45 -11.41
N GLU A 118 -10.73 -14.87 -10.41
CA GLU A 118 -9.38 -15.28 -9.93
C GLU A 118 -9.61 -16.32 -8.81
N LEU A 119 -8.89 -17.42 -8.85
CA LEU A 119 -8.87 -18.35 -7.72
C LEU A 119 -7.45 -18.92 -7.60
N ARG A 120 -7.15 -19.47 -6.42
CA ARG A 120 -5.80 -19.94 -6.07
C ARG A 120 -5.80 -21.42 -5.73
N ALA A 121 -4.84 -22.17 -6.27
CA ALA A 121 -4.57 -23.58 -5.92
C ALA A 121 -3.04 -23.76 -5.90
N PHE A 122 -2.59 -24.88 -5.36
CA PHE A 122 -1.15 -25.19 -5.28
C PHE A 122 -0.70 -25.89 -6.54
N TYR A 123 0.19 -25.25 -7.26
CA TYR A 123 1.10 -25.89 -8.23
C TYR A 123 2.20 -26.58 -7.43
N TYR A 124 2.68 -27.70 -7.93
CA TYR A 124 3.73 -28.51 -7.29
C TYR A 124 4.54 -29.26 -8.34
N ARG A 125 5.82 -29.39 -8.08
CA ARG A 125 6.82 -30.15 -8.87
C ARG A 125 6.63 -31.64 -8.64
N THR A 126 6.08 -32.36 -9.61
CA THR A 126 5.76 -33.80 -9.43
C THR A 126 7.04 -34.60 -9.17
N ASP A 127 8.16 -34.08 -9.69
CA ASP A 127 9.48 -34.75 -9.59
C ASP A 127 10.01 -34.56 -8.16
N ALA A 128 9.79 -33.37 -7.58
CA ALA A 128 10.34 -33.02 -6.26
C ALA A 128 9.56 -33.81 -5.24
N LEU A 129 8.25 -33.89 -5.38
CA LEU A 129 7.42 -34.58 -4.35
C LEU A 129 7.79 -36.07 -4.44
N LYS A 130 7.94 -36.62 -5.64
CA LYS A 130 8.40 -38.04 -5.79
C LYS A 130 9.77 -38.24 -5.11
N ALA A 131 10.77 -37.43 -5.45
CA ALA A 131 12.13 -37.53 -4.85
C ALA A 131 12.02 -37.41 -3.32
N ALA A 132 11.05 -36.68 -2.75
CA ALA A 132 10.92 -36.47 -1.29
C ALA A 132 10.06 -37.54 -0.62
N GLY A 133 9.46 -38.45 -1.37
CA GLY A 133 8.57 -39.51 -0.82
C GLY A 133 7.28 -38.91 -0.30
N VAL A 134 6.80 -37.89 -1.01
CA VAL A 134 5.56 -37.17 -0.63
C VAL A 134 4.49 -37.55 -1.65
N ASN A 135 3.37 -38.08 -1.18
CA ASN A 135 2.16 -38.37 -2.00
C ASN A 135 1.31 -37.09 -2.03
N PRO A 136 1.13 -36.44 -3.20
CA PRO A 136 0.38 -35.19 -3.26
C PRO A 136 -1.05 -35.31 -2.70
N ALA A 137 -1.71 -36.48 -2.85
CA ALA A 137 -3.02 -36.78 -2.22
C ALA A 137 -2.91 -36.53 -0.73
N GLU A 138 -1.84 -36.97 -0.07
CA GLU A 138 -1.81 -36.75 1.40
C GLU A 138 -1.30 -35.33 1.69
N MET A 139 -0.32 -34.82 0.96
CA MET A 139 0.25 -33.49 1.27
C MET A 139 -0.84 -32.38 1.20
N PHE A 140 -1.73 -32.45 0.20
CA PHE A 140 -2.77 -31.41 0.01
C PHE A 140 -4.16 -31.87 0.54
N ALA A 141 -4.24 -32.89 1.42
CA ALA A 141 -5.55 -33.25 2.04
C ALA A 141 -5.79 -32.41 3.31
N SER A 142 -4.76 -32.17 4.15
CA SER A 142 -4.92 -31.56 5.48
C SER A 142 -3.72 -30.70 5.77
N TRP A 143 -3.86 -29.85 6.75
CA TRP A 143 -2.76 -29.01 7.28
C TRP A 143 -1.64 -29.93 7.80
N GLN A 144 -1.99 -31.02 8.47
CA GLN A 144 -0.96 -31.95 9.02
C GLN A 144 -0.19 -32.52 7.83
N GLY A 145 -0.89 -33.02 6.81
CA GLY A 145 -0.25 -33.53 5.60
C GLY A 145 0.58 -32.46 4.91
N PHE A 146 0.09 -31.22 4.92
CA PHE A 146 0.73 -30.13 4.17
C PHE A 146 2.11 -29.84 4.78
N GLU A 147 2.11 -29.67 6.10
CA GLU A 147 3.37 -29.42 6.84
C GLU A 147 4.28 -30.66 6.76
N ALA A 148 3.75 -31.86 6.87
CA ALA A 148 4.59 -33.09 6.83
C ALA A 148 5.23 -33.24 5.44
N GLY A 149 4.54 -32.86 4.35
CA GLY A 149 5.13 -32.91 3.02
C GLY A 149 6.22 -31.87 2.86
N LEU A 150 6.03 -30.66 3.38
CA LEU A 150 7.06 -29.59 3.37
C LEU A 150 8.33 -30.00 4.14
N ALA A 151 8.17 -30.63 5.30
CA ALA A 151 9.28 -31.23 6.09
C ALA A 151 10.06 -32.19 5.19
N ARG A 152 9.39 -33.14 4.54
CA ARG A 152 10.08 -34.15 3.70
C ARG A 152 10.77 -33.37 2.55
N LEU A 153 10.11 -32.37 1.99
CA LEU A 153 10.69 -31.56 0.88
C LEU A 153 11.93 -30.78 1.32
N LYS A 154 11.99 -30.27 2.57
CA LYS A 154 13.19 -29.58 3.15
C LYS A 154 14.34 -30.56 3.34
N ALA A 155 14.03 -31.76 3.80
CA ALA A 155 15.01 -32.86 4.01
C ALA A 155 15.59 -33.38 2.68
N SER A 156 14.81 -33.38 1.60
CA SER A 156 15.15 -34.04 0.31
C SER A 156 16.48 -33.52 -0.21
N SER A 157 17.28 -34.42 -0.78
CA SER A 157 18.57 -34.08 -1.42
C SER A 157 18.35 -33.68 -2.87
N PHE A 158 17.10 -33.79 -3.37
CA PHE A 158 16.77 -33.57 -4.80
C PHE A 158 17.25 -32.21 -5.25
N ARG A 159 17.78 -32.15 -6.47
CA ARG A 159 18.29 -30.88 -7.05
C ARG A 159 17.55 -30.66 -8.36
N ASP A 160 17.19 -29.42 -8.68
CA ASP A 160 16.56 -29.12 -9.99
C ASP A 160 17.57 -29.47 -11.07
N PRO A 161 17.14 -30.23 -12.13
CA PRO A 161 17.97 -30.56 -13.28
C PRO A 161 18.70 -29.37 -13.90
N GLU A 162 18.06 -28.20 -13.96
CA GLU A 162 18.65 -27.00 -14.61
C GLU A 162 19.41 -26.11 -13.62
N THR A 163 18.87 -25.84 -12.42
CA THR A 163 19.57 -24.97 -11.41
C THR A 163 20.70 -25.74 -10.72
N LYS A 164 20.64 -27.06 -10.77
CA LYS A 164 21.59 -27.99 -10.09
C LYS A 164 21.66 -27.65 -8.61
N ALA A 165 20.59 -27.06 -8.09
CA ALA A 165 20.46 -26.63 -6.69
C ALA A 165 19.16 -27.20 -6.15
N PRO A 166 19.07 -27.34 -4.80
CA PRO A 166 17.84 -27.73 -4.12
C PRO A 166 16.73 -26.70 -4.40
N LEU A 167 15.49 -27.15 -4.20
CA LEU A 167 14.27 -26.33 -4.33
C LEU A 167 13.86 -25.91 -2.91
N ALA A 168 13.38 -24.68 -2.76
CA ALA A 168 12.58 -24.22 -1.61
C ALA A 168 11.38 -25.12 -1.55
N PRO A 169 10.97 -25.66 -0.38
CA PRO A 169 9.73 -26.42 -0.26
C PRO A 169 8.50 -25.59 -0.68
N LEU A 170 8.41 -24.35 -0.27
CA LEU A 170 7.26 -23.48 -0.53
C LEU A 170 7.78 -22.08 -0.85
N CYS A 171 7.22 -21.43 -1.85
CA CYS A 171 7.50 -19.99 -2.07
C CYS A 171 6.16 -19.27 -1.88
N THR A 172 6.25 -18.13 -1.20
CA THR A 172 5.06 -17.25 -1.08
C THR A 172 5.59 -15.84 -1.00
N PRO A 173 4.90 -14.88 -1.65
CA PRO A 173 5.39 -13.51 -1.70
C PRO A 173 5.16 -12.76 -0.38
N GLY A 174 6.26 -12.36 0.27
CA GLY A 174 6.20 -11.60 1.52
C GLY A 174 5.97 -10.13 1.23
N ARG A 175 6.28 -9.67 0.01
CA ARG A 175 6.25 -8.21 -0.26
C ARG A 175 5.17 -7.96 -1.32
N THR A 176 3.91 -7.85 -0.91
CA THR A 176 2.81 -7.44 -1.83
C THR A 176 1.65 -6.84 -1.02
N PRO A 177 1.00 -5.84 -1.62
CA PRO A 177 -0.27 -5.36 -1.10
C PRO A 177 -1.43 -6.35 -1.23
N ARG A 178 -1.22 -7.54 -1.82
CA ARG A 178 -2.26 -8.59 -2.00
C ARG A 178 -1.98 -9.74 -1.03
N THR A 179 -1.16 -9.48 0.00
CA THR A 179 -0.77 -10.49 1.02
C THR A 179 -2.03 -11.07 1.72
N LEU A 180 -3.12 -10.29 1.89
CA LEU A 180 -4.30 -10.81 2.61
C LEU A 180 -4.87 -12.03 1.88
N HIS A 181 -4.91 -12.00 0.54
CA HIS A 181 -5.54 -13.07 -0.26
C HIS A 181 -4.79 -14.38 -0.01
N ASN A 182 -3.47 -14.31 0.24
CA ASN A 182 -2.66 -15.51 0.50
C ASN A 182 -2.93 -16.03 1.92
N ALA A 183 -3.24 -15.16 2.87
CA ALA A 183 -3.51 -15.55 4.29
C ALA A 183 -4.95 -16.08 4.43
N ALA A 184 -5.88 -15.59 3.64
CA ALA A 184 -7.34 -15.79 3.83
C ALA A 184 -7.70 -17.28 3.92
N PRO A 185 -7.28 -18.18 3.03
CA PRO A 185 -7.69 -19.59 3.18
C PRO A 185 -7.19 -20.26 4.48
N TRP A 186 -6.08 -19.80 5.07
CA TRP A 186 -5.56 -20.34 6.37
C TRP A 186 -6.45 -19.79 7.45
N ILE A 187 -6.76 -18.48 7.36
CA ILE A 187 -7.72 -17.90 8.33
C ILE A 187 -9.04 -18.69 8.28
N TRP A 188 -9.58 -18.84 7.08
CA TRP A 188 -10.88 -19.52 6.90
C TRP A 188 -10.78 -21.00 7.33
N GLY A 189 -9.72 -21.72 6.99
CA GLY A 189 -9.59 -23.17 7.22
C GLY A 189 -9.62 -23.52 8.69
N ALA A 190 -9.20 -22.56 9.51
CA ALA A 190 -9.12 -22.70 10.98
C ALA A 190 -10.47 -22.34 11.62
N GLY A 191 -11.46 -21.93 10.85
CA GLY A 191 -12.77 -21.47 11.39
C GLY A 191 -12.82 -19.96 11.60
N GLY A 192 -11.83 -19.25 11.07
CA GLY A 192 -11.65 -17.81 11.33
C GLY A 192 -12.28 -16.98 10.25
N GLU A 193 -12.17 -15.66 10.38
CA GLU A 193 -12.69 -14.66 9.44
C GLU A 193 -11.80 -13.43 9.52
N ILE A 194 -11.79 -12.59 8.48
CA ILE A 194 -11.07 -11.29 8.57
C ILE A 194 -12.01 -10.31 9.27
N VAL A 195 -13.28 -10.29 8.87
CA VAL A 195 -14.36 -9.52 9.56
C VAL A 195 -15.56 -10.41 9.84
N ARG A 196 -16.37 -10.02 10.81
CA ARG A 196 -17.60 -10.76 11.18
C ARG A 196 -18.54 -9.77 11.85
N GLN A 197 -19.82 -10.11 11.86
CA GLN A 197 -20.92 -9.20 12.22
C GLN A 197 -21.24 -9.45 13.70
N ALA A 198 -21.43 -8.39 14.49
CA ALA A 198 -21.61 -8.42 15.96
C ALA A 198 -22.22 -7.08 16.42
N GLY A 199 -23.20 -7.08 17.33
CA GLY A 199 -23.69 -5.87 18.03
C GLY A 199 -24.39 -4.87 17.10
N GLY A 200 -24.86 -5.37 15.94
CA GLY A 200 -25.52 -4.59 14.88
C GLY A 200 -24.51 -4.14 13.84
N ARG A 201 -23.35 -4.81 13.73
CA ARG A 201 -22.20 -4.18 13.03
C ARG A 201 -21.11 -5.20 12.66
N TRP A 202 -20.32 -4.81 11.67
CA TRP A 202 -19.13 -5.53 11.17
C TRP A 202 -17.92 -5.13 11.99
N GLN A 203 -17.10 -6.11 12.39
CA GLN A 203 -15.84 -5.92 13.13
C GLN A 203 -14.76 -6.88 12.62
N SER A 204 -13.54 -6.57 13.00
CA SER A 204 -12.37 -7.38 12.70
C SER A 204 -12.51 -8.70 13.47
N ALA A 205 -12.14 -9.80 12.84
CA ALA A 205 -12.00 -11.09 13.59
C ALA A 205 -10.60 -11.61 13.35
N LEU A 206 -9.72 -10.72 12.88
CA LEU A 206 -8.29 -11.07 12.65
C LEU A 206 -7.58 -11.56 13.94
N ASN A 207 -7.99 -11.06 15.11
CA ASN A 207 -7.41 -11.44 16.43
C ASN A 207 -8.28 -12.51 17.13
N SER A 208 -9.22 -13.12 16.43
CA SER A 208 -10.02 -14.24 17.01
C SER A 208 -9.05 -15.40 17.23
N PRO A 209 -9.35 -16.33 18.16
CA PRO A 209 -8.50 -17.51 18.32
C PRO A 209 -8.28 -18.31 17.02
N GLU A 210 -9.33 -18.52 16.27
CA GLU A 210 -9.27 -19.32 15.02
C GLU A 210 -8.46 -18.57 13.97
N SER A 211 -8.70 -17.28 13.75
CA SER A 211 -7.91 -16.50 12.77
C SER A 211 -6.43 -16.60 13.14
N LEU A 212 -6.12 -16.40 14.43
CA LEU A 212 -4.71 -16.42 14.90
C LEU A 212 -4.13 -17.84 14.73
N GLU A 213 -4.91 -18.89 15.00
CA GLU A 213 -4.46 -20.30 14.76
C GLU A 213 -4.05 -20.48 13.29
N GLY A 214 -4.87 -20.00 12.35
CA GLY A 214 -4.61 -20.18 10.92
C GLY A 214 -3.44 -19.29 10.46
N LEU A 215 -3.44 -18.00 10.83
CA LEU A 215 -2.32 -17.12 10.45
C LEU A 215 -1.01 -17.71 10.96
N TYR A 216 -0.96 -18.18 12.21
CA TYR A 216 0.31 -18.66 12.77
C TYR A 216 0.73 -19.91 12.03
N PHE A 217 -0.21 -20.81 11.71
CA PHE A 217 0.09 -22.07 11.01
C PHE A 217 0.87 -21.76 9.73
N PHE A 218 0.31 -20.85 8.94
CA PHE A 218 0.84 -20.44 7.63
C PHE A 218 2.15 -19.68 7.81
N LEU A 219 2.15 -18.61 8.59
CA LEU A 219 3.38 -17.76 8.70
C LEU A 219 4.52 -18.59 9.30
N SER A 220 4.27 -19.51 10.23
CA SER A 220 5.31 -20.28 10.97
C SER A 220 6.01 -21.26 10.03
N LEU A 221 5.34 -21.70 8.97
CA LEU A 221 6.01 -22.56 7.95
C LEU A 221 7.28 -21.88 7.48
N ALA A 222 7.26 -20.57 7.25
CA ALA A 222 8.44 -19.80 6.83
C ALA A 222 9.56 -19.82 7.89
N GLN A 223 9.23 -19.66 9.17
CA GLN A 223 10.22 -19.69 10.29
C GLN A 223 10.76 -21.09 10.48
N LYS A 224 10.03 -22.11 10.03
CA LYS A 224 10.51 -23.51 10.14
C LYS A 224 11.47 -23.82 9.01
N GLY A 225 11.77 -22.87 8.13
CA GLY A 225 12.74 -23.01 7.04
C GLY A 225 12.11 -23.52 5.78
N TYR A 226 10.77 -23.49 5.63
CA TYR A 226 10.14 -24.14 4.46
C TYR A 226 9.97 -23.10 3.34
N VAL A 227 10.07 -21.83 3.73
CA VAL A 227 10.01 -20.68 2.80
C VAL A 227 11.35 -19.96 2.87
N PRO A 228 12.02 -19.72 1.73
CA PRO A 228 13.26 -18.97 1.75
C PRO A 228 13.06 -17.51 2.16
N ALA A 229 14.02 -16.98 2.91
CA ALA A 229 14.20 -15.54 3.24
C ALA A 229 13.90 -14.66 2.03
N GLU A 230 14.48 -15.01 0.90
CA GLU A 230 14.43 -14.24 -0.37
C GLU A 230 12.96 -13.99 -0.82
N SER A 231 12.06 -14.97 -0.61
CA SER A 231 10.64 -14.91 -1.04
C SER A 231 9.94 -13.77 -0.32
N LEU A 232 10.25 -13.60 0.94
CA LEU A 232 9.47 -12.64 1.77
C LEU A 232 9.84 -11.21 1.35
N GLU A 233 10.79 -11.01 0.46
CA GLU A 233 11.03 -9.64 -0.08
C GLU A 233 10.51 -9.55 -1.50
N LYS A 234 9.68 -10.49 -1.96
CA LYS A 234 9.30 -10.56 -3.41
C LYS A 234 7.78 -10.37 -3.59
N ASN A 235 7.37 -9.91 -4.77
CA ASN A 235 5.97 -9.71 -5.18
C ASN A 235 5.49 -10.99 -5.86
N THR A 236 4.25 -10.97 -6.31
CA THR A 236 3.53 -12.15 -6.82
C THR A 236 4.26 -12.62 -8.09
N ALA A 237 4.63 -11.68 -8.99
CA ALA A 237 5.23 -11.96 -10.32
C ALA A 237 6.62 -12.56 -10.17
N GLN A 238 7.41 -12.08 -9.19
CA GLN A 238 8.74 -12.60 -8.88
C GLN A 238 8.62 -14.05 -8.38
N ILE A 239 7.63 -14.36 -7.59
CA ILE A 239 7.48 -15.73 -7.05
C ILE A 239 7.09 -16.66 -8.19
N GLU A 240 6.17 -16.25 -9.07
CA GLU A 240 5.86 -17.03 -10.30
C GLU A 240 7.18 -17.30 -11.01
N ALA A 241 7.99 -16.27 -11.29
CA ALA A 241 9.29 -16.42 -12.01
C ALA A 241 10.18 -17.42 -11.26
N ASP A 242 10.24 -17.34 -9.94
CA ASP A 242 11.07 -18.29 -9.14
C ASP A 242 10.55 -19.71 -9.39
N PHE A 243 9.25 -19.92 -9.46
CA PHE A 243 8.76 -21.32 -9.67
C PHE A 243 9.11 -21.81 -11.08
N GLN A 244 8.91 -20.98 -12.11
CA GLN A 244 9.30 -21.32 -13.51
C GLN A 244 10.78 -21.68 -13.59
N ALA A 245 11.63 -21.03 -12.77
CA ALA A 245 13.11 -21.14 -12.85
C ALA A 245 13.60 -22.25 -11.91
N GLY A 246 12.70 -23.07 -11.40
CA GLY A 246 13.07 -24.29 -10.64
C GLY A 246 13.49 -23.97 -9.22
N LYS A 247 13.02 -22.88 -8.59
CA LYS A 247 13.54 -22.51 -7.24
CA LYS A 247 13.53 -22.51 -7.25
C LYS A 247 12.61 -23.02 -6.13
N CYS A 248 11.41 -23.52 -6.46
CA CYS A 248 10.28 -23.74 -5.52
C CYS A 248 9.56 -25.04 -5.85
N ALA A 249 9.44 -25.97 -4.89
CA ALA A 249 8.67 -27.24 -5.06
C ALA A 249 7.17 -26.95 -5.14
N VAL A 250 6.71 -25.91 -4.46
CA VAL A 250 5.26 -25.69 -4.25
C VAL A 250 5.04 -24.17 -4.19
N PHE A 251 4.03 -23.71 -4.88
CA PHE A 251 3.57 -22.28 -4.76
C PHE A 251 2.09 -22.21 -5.15
N ALA A 252 1.43 -21.18 -4.63
CA ALA A 252 0.01 -20.96 -4.92
C ALA A 252 -0.11 -19.95 -6.05
N SER A 253 -0.99 -20.25 -6.99
CA SER A 253 -1.27 -19.31 -8.12
C SER A 253 -2.61 -19.65 -8.76
N GLY A 254 -2.96 -18.87 -9.80
CA GLY A 254 -4.22 -19.05 -10.54
C GLY A 254 -4.05 -19.93 -11.76
N PRO A 255 -5.13 -20.11 -12.55
CA PRO A 255 -5.10 -20.99 -13.71
C PRO A 255 -4.16 -20.57 -14.84
N TRP A 256 -3.73 -19.32 -14.86
CA TRP A 256 -2.93 -18.72 -15.97
C TRP A 256 -1.61 -19.49 -16.12
N MET A 257 -1.08 -20.09 -15.01
CA MET A 257 0.24 -20.79 -15.05
C MET A 257 0.18 -21.97 -16.02
N ILE A 258 -0.97 -22.58 -16.22
CA ILE A 258 -1.11 -23.81 -17.02
C ILE A 258 -0.76 -23.44 -18.45
N GLN A 259 -1.33 -22.33 -18.91
CA GLN A 259 -1.20 -21.85 -20.32
C GLN A 259 0.25 -21.45 -20.53
N ARG A 260 0.83 -20.75 -19.58
CA ARG A 260 2.27 -20.40 -19.60
C ARG A 260 3.15 -21.63 -19.72
N ALA A 261 2.80 -22.77 -19.08
CA ALA A 261 3.62 -24.01 -19.16
C ALA A 261 3.58 -24.60 -20.57
N GLN A 262 2.60 -24.21 -21.38
CA GLN A 262 2.41 -24.72 -22.77
C GLN A 262 3.23 -23.91 -23.77
N VAL A 263 3.67 -22.70 -23.43
CA VAL A 263 4.30 -21.81 -24.44
C VAL A 263 5.74 -21.52 -24.07
N PRO A 264 6.57 -21.32 -25.10
CA PRO A 264 8.01 -21.08 -24.87
C PRO A 264 8.25 -19.77 -24.11
N GLU A 265 9.40 -19.71 -23.42
CA GLU A 265 9.96 -18.53 -22.74
C GLU A 265 9.87 -17.29 -23.64
N ALA A 266 10.17 -17.43 -24.93
CA ALA A 266 10.17 -16.28 -25.90
C ALA A 266 8.77 -15.65 -25.95
N LYS A 267 7.74 -16.47 -25.74
CA LYS A 267 6.31 -16.05 -25.84
C LYS A 267 5.81 -15.68 -24.44
N GLY A 268 6.72 -15.55 -23.47
CA GLY A 268 6.49 -15.29 -22.04
C GLY A 268 5.95 -16.47 -21.26
N GLY A 269 6.16 -17.71 -21.74
CA GLY A 269 5.79 -18.92 -21.00
C GLY A 269 7.02 -19.52 -20.34
N PHE A 270 6.96 -20.81 -20.08
CA PHE A 270 8.13 -21.52 -19.54
C PHE A 270 8.14 -22.99 -20.00
N ALA A 271 7.71 -23.31 -21.24
CA ALA A 271 7.62 -24.74 -21.68
C ALA A 271 9.00 -25.43 -21.69
N GLU A 272 10.11 -24.70 -21.84
CA GLU A 272 11.45 -25.33 -21.88
C GLU A 272 11.88 -25.77 -20.48
N ARG A 273 11.29 -25.19 -19.43
CA ARG A 273 11.76 -25.35 -18.04
C ARG A 273 11.25 -26.67 -17.43
N THR A 274 12.05 -27.22 -16.50
CA THR A 274 11.76 -28.50 -15.83
C THR A 274 10.36 -28.44 -15.22
N ALA A 275 10.08 -27.32 -14.57
CA ALA A 275 8.81 -27.10 -13.85
C ALA A 275 7.64 -27.33 -14.83
N ALA A 276 7.70 -26.85 -16.08
CA ALA A 276 6.64 -27.05 -17.07
C ALA A 276 6.47 -28.55 -17.34
N LYS A 277 7.55 -29.32 -17.33
CA LYS A 277 7.52 -30.74 -17.72
C LYS A 277 7.14 -31.61 -16.51
N ASN A 278 7.18 -31.07 -15.29
CA ASN A 278 6.88 -31.80 -14.02
C ASN A 278 5.84 -31.02 -13.21
N LEU A 279 4.72 -30.70 -13.84
CA LEU A 279 3.74 -29.77 -13.22
C LEU A 279 2.51 -30.53 -12.71
N GLY A 280 2.20 -30.37 -11.43
CA GLY A 280 0.94 -30.85 -10.83
C GLY A 280 0.16 -29.69 -10.23
N VAL A 281 -1.12 -29.90 -9.96
CA VAL A 281 -1.87 -28.89 -9.19
CA VAL A 281 -1.96 -28.89 -9.26
C VAL A 281 -2.79 -29.60 -8.20
N ALA A 282 -2.98 -28.97 -7.04
CA ALA A 282 -3.90 -29.44 -5.99
C ALA A 282 -4.66 -28.28 -5.40
N PRO A 283 -5.94 -28.46 -5.01
CA PRO A 283 -6.64 -27.46 -4.20
C PRO A 283 -5.92 -27.26 -2.86
N TYR A 284 -6.10 -26.11 -2.25
CA TYR A 284 -5.75 -25.89 -0.83
C TYR A 284 -6.21 -27.08 0.01
N PRO A 285 -5.42 -27.48 1.03
CA PRO A 285 -5.80 -28.57 1.92
C PRO A 285 -6.95 -28.17 2.84
N ALA A 286 -7.75 -29.13 3.28
CA ALA A 286 -8.72 -28.94 4.37
C ALA A 286 -7.98 -28.46 5.63
N GLY A 287 -8.48 -27.41 6.28
CA GLY A 287 -8.01 -27.10 7.65
C GLY A 287 -8.89 -27.76 8.71
N PRO A 288 -8.70 -27.42 10.01
CA PRO A 288 -9.46 -28.07 11.08
C PRO A 288 -10.97 -27.84 10.95
N LYS A 289 -11.41 -26.70 10.38
CA LYS A 289 -12.85 -26.36 10.34
C LYS A 289 -13.37 -26.22 8.91
N GLY A 290 -12.59 -26.57 7.90
CA GLY A 290 -13.12 -26.58 6.54
C GLY A 290 -12.07 -26.37 5.50
N ARG A 291 -12.46 -26.49 4.23
CA ARG A 291 -11.55 -26.32 3.09
C ARG A 291 -12.05 -25.11 2.29
N TYR A 292 -11.17 -24.12 2.07
CA TYR A 292 -11.60 -22.89 1.35
C TYR A 292 -10.58 -22.53 0.28
N THR A 293 -11.11 -22.12 -0.88
CA THR A 293 -10.33 -21.61 -2.02
C THR A 293 -10.60 -20.12 -2.13
N PHE A 294 -9.57 -19.30 -2.04
CA PHE A 294 -9.75 -17.84 -2.23
C PHE A 294 -10.28 -17.59 -3.67
N PHE A 295 -11.33 -16.79 -3.77
CA PHE A 295 -11.85 -16.23 -5.05
C PHE A 295 -11.75 -14.70 -5.02
N GLY A 296 -11.36 -14.18 -6.17
CA GLY A 296 -11.45 -12.74 -6.46
C GLY A 296 -11.89 -12.67 -7.92
N GLY A 297 -11.35 -11.70 -8.65
CA GLY A 297 -11.72 -11.46 -10.05
C GLY A 297 -12.40 -10.12 -10.21
N SER A 298 -13.06 -9.96 -11.36
CA SER A 298 -13.73 -8.69 -11.75
C SER A 298 -15.16 -8.97 -12.19
N ASN A 299 -15.95 -7.94 -11.95
CA ASN A 299 -17.37 -7.80 -12.30
C ASN A 299 -17.50 -6.55 -13.16
N LEU A 300 -18.63 -6.44 -13.81
CA LEU A 300 -18.99 -5.27 -14.60
C LEU A 300 -20.20 -4.58 -13.98
N ALA A 301 -20.21 -3.25 -14.02
CA ALA A 301 -21.31 -2.45 -13.49
C ALA A 301 -21.75 -1.39 -14.50
N LEU A 302 -22.97 -0.93 -14.33
CA LEU A 302 -23.59 0.03 -15.22
C LEU A 302 -23.85 1.26 -14.37
N PHE A 303 -23.31 2.43 -14.79
CA PHE A 303 -23.56 3.70 -14.09
C PHE A 303 -24.99 4.13 -14.31
N ASN A 304 -25.60 4.74 -13.30
CA ASN A 304 -27.02 5.13 -13.39
C ASN A 304 -27.15 6.40 -14.22
N PHE A 305 -26.05 6.97 -14.71
CA PHE A 305 -26.12 8.16 -15.60
C PHE A 305 -25.90 7.72 -17.06
N SER A 306 -25.69 6.43 -17.33
CA SER A 306 -25.61 5.91 -18.72
C SER A 306 -26.82 6.39 -19.52
N LYS A 307 -26.57 6.85 -20.76
CA LYS A 307 -27.64 7.31 -21.67
C LYS A 307 -28.30 6.14 -22.43
N ASN A 308 -27.80 4.94 -22.31
CA ASN A 308 -28.42 3.75 -22.96
C ASN A 308 -28.31 2.51 -22.05
N LYS A 309 -29.15 2.50 -21.04
CA LYS A 309 -29.20 1.39 -20.06
C LYS A 309 -29.65 0.11 -20.75
N PRO A 310 -30.67 0.10 -21.61
CA PRO A 310 -31.09 -1.16 -22.26
C PRO A 310 -29.97 -1.76 -23.13
N LEU A 311 -29.27 -0.96 -23.92
CA LEU A 311 -28.21 -1.53 -24.81
C LEU A 311 -27.01 -1.99 -23.99
N ALA A 312 -26.68 -1.22 -22.95
CA ALA A 312 -25.59 -1.55 -22.05
C ALA A 312 -25.92 -2.86 -21.32
N LYS A 313 -27.19 -3.05 -20.97
CA LYS A 313 -27.66 -4.31 -20.32
C LYS A 313 -27.55 -5.46 -21.30
N GLU A 314 -27.77 -5.22 -22.58
CA GLU A 314 -27.53 -6.26 -23.62
CA GLU A 314 -27.53 -6.26 -23.62
C GLU A 314 -26.03 -6.56 -23.64
N LEU A 315 -25.17 -5.55 -23.51
CA LEU A 315 -23.71 -5.83 -23.48
C LEU A 315 -23.34 -6.62 -22.23
N LEU A 316 -23.89 -6.26 -21.04
CA LEU A 316 -23.67 -7.06 -19.78
C LEU A 316 -24.12 -8.51 -19.99
N LYS A 317 -25.25 -8.75 -20.65
CA LYS A 317 -25.75 -10.13 -20.92
C LYS A 317 -24.75 -10.85 -21.85
N TYR A 318 -24.22 -10.18 -22.84
CA TYR A 318 -23.28 -10.79 -23.82
C TYR A 318 -21.98 -11.14 -23.08
N LEU A 319 -21.39 -10.15 -22.38
CA LEU A 319 -20.11 -10.37 -21.72
C LEU A 319 -20.31 -11.39 -20.60
N GLY A 320 -21.45 -11.47 -19.98
CA GLY A 320 -21.66 -12.38 -18.82
C GLY A 320 -22.06 -13.79 -19.24
N GLY A 321 -22.33 -13.98 -20.52
CA GLY A 321 -22.99 -15.15 -21.14
C GLY A 321 -21.97 -16.14 -21.75
N PRO A 322 -22.43 -17.35 -22.14
CA PRO A 322 -21.54 -18.49 -22.37
C PRO A 322 -20.37 -18.30 -23.36
N GLU A 323 -20.60 -17.76 -24.52
CA GLU A 323 -19.52 -17.69 -25.53
C GLU A 323 -18.43 -16.72 -25.04
N ALA A 324 -18.83 -15.52 -24.61
CA ALA A 324 -17.87 -14.46 -24.24
C ALA A 324 -17.13 -14.89 -22.97
N GLN A 325 -17.83 -15.61 -22.11
CA GLN A 325 -17.27 -16.08 -20.83
C GLN A 325 -16.09 -17.01 -21.14
N VAL A 326 -16.28 -18.02 -22.01
CA VAL A 326 -15.19 -18.96 -22.43
C VAL A 326 -14.08 -18.18 -23.14
N ARG A 327 -14.40 -17.33 -24.08
CA ARG A 327 -13.34 -16.61 -24.84
CA ARG A 327 -13.35 -16.62 -24.84
C ARG A 327 -12.53 -15.72 -23.91
N TYR A 328 -13.19 -14.89 -23.09
CA TYR A 328 -12.38 -13.95 -22.25
C TYR A 328 -11.58 -14.72 -21.20
N ALA A 329 -12.09 -15.86 -20.70
CA ALA A 329 -11.30 -16.71 -19.77
C ALA A 329 -10.00 -17.18 -20.42
N GLN A 330 -10.08 -17.61 -21.68
CA GLN A 330 -8.89 -17.99 -22.48
C GLN A 330 -7.98 -16.78 -22.56
N MET A 331 -8.51 -15.62 -22.98
CA MET A 331 -7.65 -14.43 -23.19
C MET A 331 -6.93 -14.07 -21.88
N THR A 332 -7.56 -14.21 -20.74
CA THR A 332 -7.03 -13.67 -19.46
C THR A 332 -6.33 -14.73 -18.58
N GLY A 333 -6.44 -16.00 -18.93
CA GLY A 333 -5.98 -17.14 -18.10
C GLY A 333 -6.81 -17.31 -16.83
N MET A 334 -8.03 -16.74 -16.79
CA MET A 334 -8.91 -16.77 -15.57
C MET A 334 -9.93 -17.91 -15.70
N LEU A 335 -10.75 -18.09 -14.67
CA LEU A 335 -11.88 -19.03 -14.73
C LEU A 335 -13.09 -18.21 -15.11
N PRO A 336 -14.02 -18.72 -15.93
CA PRO A 336 -15.25 -17.99 -16.22
C PRO A 336 -15.94 -17.70 -14.89
N ALA A 337 -16.64 -16.56 -14.79
CA ALA A 337 -17.53 -16.29 -13.65
C ALA A 337 -18.80 -17.14 -13.79
N LEU A 338 -19.23 -17.48 -15.00
CA LEU A 338 -20.51 -18.19 -15.27
C LEU A 338 -20.21 -19.67 -15.11
N ARG A 339 -20.87 -20.34 -14.16
CA ARG A 339 -20.61 -21.78 -13.86
C ARG A 339 -20.72 -22.66 -15.12
N SER A 340 -21.71 -22.46 -15.96
CA SER A 340 -21.95 -23.29 -17.15
C SER A 340 -20.74 -23.29 -18.09
N ALA A 341 -19.95 -22.22 -18.12
CA ALA A 341 -18.79 -22.15 -19.02
C ALA A 341 -17.69 -23.10 -18.54
N TRP A 342 -17.70 -23.53 -17.27
CA TRP A 342 -16.67 -24.47 -16.73
C TRP A 342 -16.79 -25.81 -17.46
N SER A 343 -17.98 -26.09 -18.03
CA SER A 343 -18.23 -27.38 -18.74
CA SER A 343 -18.23 -27.38 -18.74
C SER A 343 -17.69 -27.31 -20.17
N ASP A 344 -17.18 -26.16 -20.60
CA ASP A 344 -16.64 -26.04 -21.96
C ASP A 344 -15.51 -27.03 -22.10
N PRO A 345 -15.40 -27.75 -23.23
CA PRO A 345 -14.22 -28.55 -23.52
C PRO A 345 -12.85 -27.87 -23.28
N SER A 346 -12.69 -26.55 -23.44
CA SER A 346 -11.38 -25.88 -23.21
C SER A 346 -10.96 -25.93 -21.72
N PHE A 347 -11.86 -26.18 -20.77
CA PHE A 347 -11.51 -26.51 -19.34
C PHE A 347 -11.50 -28.03 -19.14
N GLN A 348 -12.52 -28.73 -19.62
CA GLN A 348 -12.71 -30.17 -19.26
C GLN A 348 -11.59 -31.03 -19.87
N GLN A 349 -10.91 -30.58 -20.94
CA GLN A 349 -9.97 -31.46 -21.70
C GLN A 349 -8.55 -31.40 -21.11
N ASN A 350 -8.30 -30.54 -20.14
CA ASN A 350 -6.94 -30.37 -19.52
C ASN A 350 -7.06 -30.77 -18.05
N PRO A 351 -6.41 -31.85 -17.58
CA PRO A 351 -6.63 -32.31 -16.20
C PRO A 351 -6.23 -31.23 -15.16
N LEU A 352 -5.27 -30.34 -15.51
CA LEU A 352 -4.82 -29.28 -14.57
C LEU A 352 -5.96 -28.28 -14.44
N LEU A 353 -6.67 -27.96 -15.54
CA LEU A 353 -7.83 -27.06 -15.47
C LEU A 353 -8.98 -27.75 -14.76
N ARG A 354 -9.19 -29.06 -14.97
CA ARG A 354 -10.17 -29.84 -14.20
C ARG A 354 -9.93 -29.71 -12.70
N THR A 355 -8.68 -29.70 -12.24
CA THR A 355 -8.33 -29.53 -10.82
C THR A 355 -8.73 -28.15 -10.32
N PHE A 356 -8.51 -27.09 -11.11
CA PHE A 356 -8.95 -25.74 -10.71
C PHE A 356 -10.46 -25.75 -10.51
N ILE A 357 -11.17 -26.45 -11.37
CA ILE A 357 -12.64 -26.53 -11.20
C ILE A 357 -12.99 -27.30 -9.93
N GLN A 358 -12.22 -28.33 -9.52
CA GLN A 358 -12.48 -29.06 -8.25
C GLN A 358 -12.20 -28.04 -7.11
N ALA A 359 -11.15 -27.24 -7.23
CA ALA A 359 -10.78 -26.24 -6.19
C ALA A 359 -11.83 -25.15 -6.08
N ALA A 360 -12.40 -24.74 -7.21
CA ALA A 360 -13.52 -23.78 -7.34
C ALA A 360 -14.70 -24.15 -6.45
N GLN A 361 -14.94 -25.45 -6.19
CA GLN A 361 -16.13 -25.92 -5.45
C GLN A 361 -16.05 -25.36 -4.02
N PHE A 362 -14.88 -24.97 -3.56
CA PHE A 362 -14.59 -24.50 -2.18
C PHE A 362 -14.42 -23.00 -2.13
N GLY A 363 -14.88 -22.34 -3.18
CA GLY A 363 -14.63 -20.92 -3.36
C GLY A 363 -15.22 -20.15 -2.22
N ARG A 364 -14.51 -19.13 -1.82
CA ARG A 364 -14.94 -18.25 -0.71
C ARG A 364 -14.40 -16.87 -1.00
N THR A 365 -15.22 -15.86 -0.74
CA THR A 365 -14.74 -14.48 -0.92
C THR A 365 -15.00 -13.66 0.36
N TYR A 366 -14.34 -12.50 0.43
CA TYR A 366 -14.61 -11.48 1.46
C TYR A 366 -16.07 -11.02 1.38
N PRO A 367 -16.65 -10.71 2.55
CA PRO A 367 -17.92 -9.99 2.61
C PRO A 367 -17.81 -8.70 1.80
N SER A 368 -18.88 -8.37 1.08
CA SER A 368 -18.92 -7.26 0.09
C SER A 368 -19.31 -5.96 0.80
N LEU A 369 -18.47 -5.55 1.71
CA LEU A 369 -18.69 -4.40 2.61
C LEU A 369 -18.35 -3.09 1.89
N ALA A 370 -19.16 -2.07 2.14
CA ALA A 370 -18.89 -0.70 1.60
C ALA A 370 -17.49 -0.24 2.03
N GLY A 371 -17.00 -0.66 3.19
CA GLY A 371 -15.73 -0.19 3.74
C GLY A 371 -14.62 -1.19 3.59
N TRP A 372 -14.75 -2.16 2.69
CA TRP A 372 -13.72 -3.24 2.57
C TRP A 372 -12.33 -2.67 2.33
N GLY A 373 -12.22 -1.65 1.50
CA GLY A 373 -10.93 -1.05 1.09
C GLY A 373 -10.05 -0.69 2.26
N GLY A 374 -10.63 0.03 3.19
CA GLY A 374 -9.94 0.46 4.42
C GLY A 374 -9.59 -0.74 5.27
N VAL A 375 -10.52 -1.68 5.42
CA VAL A 375 -10.27 -2.98 6.13
C VAL A 375 -9.02 -3.63 5.53
N GLU A 376 -8.99 -3.81 4.22
CA GLU A 376 -7.90 -4.55 3.57
C GLU A 376 -6.57 -3.78 3.71
N ASN A 377 -6.55 -2.46 3.52
CA ASN A 377 -5.31 -1.67 3.72
C ASN A 377 -4.75 -1.90 5.13
N LEU A 378 -5.63 -1.88 6.12
CA LEU A 378 -5.14 -2.00 7.53
C LEU A 378 -4.64 -3.43 7.79
N ALA A 379 -5.37 -4.42 7.31
CA ALA A 379 -4.98 -5.84 7.47
C ALA A 379 -3.62 -6.05 6.83
N VAL A 380 -3.41 -5.48 5.61
CA VAL A 380 -2.18 -5.68 4.79
C VAL A 380 -1.00 -5.04 5.53
N GLN A 381 -1.22 -3.87 6.07
CA GLN A 381 -0.13 -3.19 6.82
C GLN A 381 0.39 -4.09 7.92
N HIS A 382 -0.51 -4.65 8.72
CA HIS A 382 -0.15 -5.39 9.93
C HIS A 382 0.36 -6.79 9.54
N LEU A 383 -0.21 -7.40 8.49
CA LEU A 383 0.32 -8.68 7.96
C LEU A 383 1.77 -8.46 7.51
N GLY A 384 2.05 -7.28 6.93
CA GLY A 384 3.42 -6.94 6.49
C GLY A 384 4.41 -6.97 7.62
N MET A 385 4.00 -6.40 8.75
CA MET A 385 4.76 -6.41 10.04
C MET A 385 4.93 -7.82 10.60
N ALA A 386 3.93 -8.70 10.43
CA ALA A 386 4.09 -10.11 10.84
C ALA A 386 5.19 -10.79 9.96
N TRP A 387 5.20 -10.57 8.64
CA TRP A 387 6.25 -11.19 7.76
C TRP A 387 7.65 -10.71 8.18
N ASP A 388 7.79 -9.44 8.59
CA ASP A 388 9.08 -8.91 9.10
C ASP A 388 9.56 -9.76 10.28
N LEU A 389 8.68 -10.06 11.23
CA LEU A 389 9.02 -10.92 12.37
C LEU A 389 9.44 -12.28 11.85
N VAL A 390 8.70 -12.82 10.89
CA VAL A 390 9.06 -14.15 10.29
C VAL A 390 10.50 -14.11 9.71
N ALA A 391 10.88 -13.06 8.96
CA ALA A 391 12.25 -12.89 8.39
C ALA A 391 13.33 -12.95 9.47
N GLN A 392 13.04 -12.50 10.69
CA GLN A 392 14.06 -12.49 11.77
C GLN A 392 13.86 -13.69 12.68
N GLY A 393 12.91 -14.57 12.34
CA GLY A 393 12.56 -15.77 13.09
C GLY A 393 12.00 -15.41 14.42
N ARG A 394 11.28 -14.28 14.51
CA ARG A 394 10.84 -13.70 15.80
C ARG A 394 9.30 -13.70 15.91
N LEU A 395 8.62 -14.41 15.03
CA LEU A 395 7.15 -14.39 15.07
C LEU A 395 6.79 -15.42 16.12
N THR A 396 6.37 -14.98 17.29
CA THR A 396 5.70 -15.81 18.31
C THR A 396 4.20 -15.73 18.10
N ARG A 397 3.45 -16.64 18.68
CA ARG A 397 1.98 -16.50 18.77
C ARG A 397 1.64 -15.19 19.46
N GLU A 398 2.28 -14.90 20.60
CA GLU A 398 2.05 -13.62 21.33
C GLU A 398 2.30 -12.40 20.42
N ALA A 399 3.38 -12.36 19.65
CA ALA A 399 3.74 -11.17 18.84
C ALA A 399 2.75 -11.03 17.68
N LEU A 400 2.32 -12.17 17.15
CA LEU A 400 1.28 -12.21 16.11
C LEU A 400 0.01 -11.60 16.68
N LYS A 401 -0.33 -12.00 17.90
CA LYS A 401 -1.62 -11.57 18.50
C LYS A 401 -1.55 -10.05 18.69
N ASP A 402 -0.42 -9.56 19.15
CA ASP A 402 -0.28 -8.13 19.48
C ASP A 402 -0.46 -7.36 18.16
N LEU A 403 0.09 -7.89 17.05
CA LEU A 403 -0.04 -7.23 15.74
C LEU A 403 -1.50 -7.22 15.29
N MET A 404 -2.22 -8.35 15.41
CA MET A 404 -3.63 -8.47 15.00
C MET A 404 -4.55 -7.69 15.95
N ASP A 405 -4.21 -7.56 17.24
CA ASP A 405 -5.04 -6.71 18.16
C ASP A 405 -4.96 -5.28 17.65
N LYS A 406 -3.78 -4.86 17.22
CA LYS A 406 -3.56 -3.49 16.70
C LYS A 406 -4.32 -3.33 15.39
N ALA A 407 -4.27 -4.32 14.50
CA ALA A 407 -5.00 -4.23 13.22
C ALA A 407 -6.49 -4.09 13.55
N SER A 408 -6.97 -4.93 14.49
CA SER A 408 -8.42 -5.01 14.83
C SER A 408 -8.93 -3.67 15.35
N ALA A 409 -8.15 -2.96 16.18
CA ALA A 409 -8.56 -1.65 16.73
C ALA A 409 -8.76 -0.67 15.57
N ALA A 410 -7.81 -0.62 14.63
CA ALA A 410 -7.82 0.31 13.48
C ALA A 410 -8.97 -0.08 12.52
N ILE A 411 -9.13 -1.37 12.25
CA ILE A 411 -10.22 -1.83 11.35
C ILE A 411 -11.57 -1.45 11.96
N ASN A 412 -11.74 -1.61 13.26
CA ASN A 412 -13.06 -1.33 13.87
C ASN A 412 -13.35 0.17 13.83
N GLN A 413 -12.33 1.01 14.04
CA GLN A 413 -12.46 2.48 13.84
C GLN A 413 -12.91 2.72 12.40
N ALA A 414 -12.22 2.17 11.38
CA ALA A 414 -12.51 2.41 9.95
C ALA A 414 -13.99 2.07 9.69
N LEU A 415 -14.43 0.93 10.20
CA LEU A 415 -15.75 0.35 9.88
C LEU A 415 -16.83 1.27 10.47
N ARG A 416 -16.59 1.78 11.67
CA ARG A 416 -17.47 2.76 12.37
C ARG A 416 -17.62 4.06 11.58
N HIS A 417 -16.56 4.48 10.88
CA HIS A 417 -16.48 5.85 10.31
C HIS A 417 -16.79 5.82 8.80
N HIS A 418 -17.09 4.68 8.17
CA HIS A 418 -17.11 4.60 6.67
C HIS A 418 -18.10 5.65 6.14
N HIS A 419 -17.67 6.63 5.29
CA HIS A 419 -18.52 7.79 4.87
C HIS A 419 -19.71 7.31 4.01
N HIS A 420 -20.88 7.88 4.35
CA HIS A 420 -22.23 7.98 3.71
C HIS A 420 -22.89 6.61 3.60
N GLN B 2 -16.00 37.88 -12.51
CA GLN B 2 -14.88 36.88 -12.59
C GLN B 2 -14.91 36.05 -11.30
N LYS B 3 -15.30 34.78 -11.41
CA LYS B 3 -15.13 33.76 -10.35
C LYS B 3 -13.72 33.85 -9.80
N THR B 4 -13.51 33.94 -8.48
CA THR B 4 -12.14 33.99 -7.93
C THR B 4 -12.11 33.06 -6.72
N LEU B 5 -10.97 32.40 -6.51
CA LEU B 5 -10.65 31.77 -5.22
C LEU B 5 -9.38 32.32 -4.60
N GLU B 6 -9.28 32.30 -3.27
CA GLU B 6 -8.07 32.74 -2.52
C GLU B 6 -7.49 31.51 -1.88
N VAL B 7 -6.22 31.23 -2.13
CA VAL B 7 -5.49 30.06 -1.57
C VAL B 7 -4.21 30.52 -0.87
N TRP B 8 -4.01 30.09 0.37
CA TRP B 8 -2.72 30.31 1.11
C TRP B 8 -1.87 29.04 1.08
N ILE B 9 -0.63 29.17 0.66
CA ILE B 9 0.31 28.02 0.60
C ILE B 9 1.63 28.43 1.26
N MET B 10 2.49 27.43 1.51
CA MET B 10 3.82 27.62 2.13
C MET B 10 4.83 27.46 1.02
N PRO B 11 6.14 27.79 1.20
CA PRO B 11 7.08 27.69 0.08
C PRO B 11 7.46 26.23 -0.16
N ASN B 12 6.66 25.53 -0.96
CA ASN B 12 6.79 24.05 -1.08
C ASN B 12 7.74 23.68 -2.24
N SER B 13 7.94 24.61 -3.18
CA SER B 13 8.66 24.35 -4.45
C SER B 13 9.59 25.54 -4.69
N PRO B 14 10.51 25.43 -5.67
CA PRO B 14 11.54 26.45 -5.91
C PRO B 14 10.99 27.82 -6.28
N GLN B 15 9.92 27.91 -7.06
CA GLN B 15 9.22 29.20 -7.33
C GLN B 15 7.80 28.97 -6.83
N PRO B 16 7.52 29.14 -5.52
CA PRO B 16 6.28 28.65 -4.92
C PRO B 16 5.01 29.09 -5.67
N ALA B 17 4.84 30.39 -5.76
CA ALA B 17 3.67 31.03 -6.42
C ALA B 17 3.59 30.61 -7.88
N GLU B 18 4.66 30.83 -8.65
CA GLU B 18 4.66 30.54 -10.09
C GLU B 18 4.27 29.10 -10.33
N ASP B 19 4.92 28.17 -9.65
CA ASP B 19 4.66 26.70 -9.79
C ASP B 19 3.19 26.44 -9.47
N PHE B 20 2.64 27.01 -8.40
CA PHE B 20 1.20 26.80 -8.03
C PHE B 20 0.28 27.36 -9.11
N LYS B 21 0.60 28.54 -9.62
CA LYS B 21 -0.18 29.13 -10.75
C LYS B 21 -0.11 28.20 -11.95
N ALA B 22 1.05 27.64 -12.29
CA ALA B 22 1.14 26.69 -13.39
C ALA B 22 0.30 25.44 -13.08
N LEU B 23 0.34 24.97 -11.84
CA LEU B 23 -0.39 23.75 -11.48
C LEU B 23 -1.90 23.93 -11.73
N VAL B 24 -2.48 25.09 -11.36
CA VAL B 24 -3.94 25.31 -11.40
C VAL B 24 -4.44 25.89 -12.73
N ALA B 25 -3.55 26.28 -13.63
CA ALA B 25 -3.91 26.96 -14.89
C ALA B 25 -4.96 26.18 -15.67
N PRO B 26 -4.90 24.84 -15.78
CA PRO B 26 -5.96 24.09 -16.46
C PRO B 26 -7.30 24.13 -15.71
N PHE B 27 -7.32 24.15 -14.36
CA PHE B 27 -8.54 24.37 -13.58
C PHE B 27 -9.09 25.77 -13.89
N GLU B 28 -8.25 26.78 -13.88
CA GLU B 28 -8.69 28.19 -14.12
C GLU B 28 -9.39 28.29 -15.48
N LYS B 29 -8.79 27.67 -16.49
CA LYS B 29 -9.28 27.70 -17.89
C LYS B 29 -10.57 26.89 -17.97
N ALA B 30 -10.66 25.72 -17.35
CA ALA B 30 -11.88 24.88 -17.40
C ALA B 30 -13.11 25.59 -16.80
N HIS B 31 -12.95 26.45 -15.79
CA HIS B 31 -14.08 26.95 -14.99
C HIS B 31 -14.20 28.47 -15.03
N GLY B 32 -13.37 29.14 -15.81
CA GLY B 32 -13.29 30.63 -15.86
C GLY B 32 -13.09 31.22 -14.46
N VAL B 33 -12.13 30.71 -13.72
CA VAL B 33 -11.80 31.13 -12.34
C VAL B 33 -10.36 31.65 -12.30
N GLU B 34 -10.14 32.72 -11.56
CA GLU B 34 -8.77 33.16 -11.20
C GLU B 34 -8.46 32.70 -9.76
N VAL B 35 -7.43 31.88 -9.61
CA VAL B 35 -7.04 31.40 -8.27
C VAL B 35 -5.94 32.35 -7.79
N LYS B 36 -6.20 33.10 -6.73
CA LYS B 36 -5.25 34.07 -6.16
C LYS B 36 -4.46 33.35 -5.07
N VAL B 37 -3.16 33.20 -5.24
CA VAL B 37 -2.31 32.45 -4.27
C VAL B 37 -1.50 33.45 -3.46
N THR B 38 -1.40 33.20 -2.17
CA THR B 38 -0.47 33.93 -1.27
C THR B 38 0.48 32.92 -0.67
N VAL B 39 1.77 33.08 -0.86
CA VAL B 39 2.81 32.24 -0.24
C VAL B 39 3.21 32.82 1.12
N LEU B 40 3.13 31.97 2.16
CA LEU B 40 3.54 32.33 3.53
C LEU B 40 4.59 31.33 4.06
N ASP B 41 5.66 31.89 4.63
CA ASP B 41 6.66 31.06 5.36
C ASP B 41 5.94 30.31 6.48
N TRP B 42 6.46 29.16 6.88
CA TRP B 42 5.75 28.21 7.78
C TRP B 42 5.30 28.89 9.09
N GLY B 43 6.18 29.64 9.77
CA GLY B 43 5.88 30.36 11.02
C GLY B 43 4.83 31.43 10.81
N VAL B 44 4.94 32.15 9.70
CA VAL B 44 4.02 33.26 9.36
C VAL B 44 2.65 32.67 9.05
N ALA B 45 2.61 31.55 8.33
CA ALA B 45 1.37 30.84 7.97
C ALA B 45 0.64 30.43 9.24
N TRP B 46 1.34 29.89 10.21
CA TRP B 46 0.71 29.52 11.50
C TRP B 46 -0.01 30.72 12.13
N THR B 47 0.63 31.86 12.23
CA THR B 47 -0.02 33.02 12.86
C THR B 47 -1.23 33.44 12.04
N LYS B 48 -1.08 33.55 10.72
CA LYS B 48 -2.16 34.13 9.85
C LYS B 48 -3.36 33.18 9.80
N ILE B 49 -3.11 31.87 9.77
CA ILE B 49 -4.20 30.86 9.74
C ILE B 49 -4.96 30.85 11.07
N THR B 50 -4.29 30.91 12.21
CA THR B 50 -4.95 30.93 13.54
C THR B 50 -5.73 32.23 13.69
N THR B 51 -5.18 33.37 13.23
CA THR B 51 -5.89 34.68 13.17
C THR B 51 -7.14 34.59 12.28
N ALA B 52 -7.02 34.01 11.08
CA ALA B 52 -8.16 33.81 10.16
C ALA B 52 -9.23 32.97 10.86
N ALA B 53 -8.82 31.88 11.51
CA ALA B 53 -9.75 31.02 12.28
C ALA B 53 -10.46 31.84 13.38
N THR B 54 -9.73 32.65 14.15
CA THR B 54 -10.34 33.43 15.28
C THR B 54 -11.24 34.53 14.73
N SER B 55 -10.84 35.20 13.65
CA SER B 55 -11.55 36.40 13.12
C SER B 55 -12.69 36.06 12.16
N GLY B 56 -12.74 34.89 11.52
CA GLY B 56 -13.73 34.57 10.47
C GLY B 56 -13.41 35.30 9.15
N VAL B 57 -12.18 35.74 8.99
CA VAL B 57 -11.72 36.48 7.78
C VAL B 57 -10.50 35.73 7.28
N GLY B 58 -10.53 35.28 6.04
CA GLY B 58 -9.39 34.51 5.51
C GLY B 58 -9.50 34.21 4.03
N PRO B 59 -8.72 33.21 3.54
CA PRO B 59 -8.83 32.74 2.17
C PRO B 59 -10.00 31.74 2.10
N ASP B 60 -10.22 31.21 0.93
CA ASP B 60 -11.12 30.05 0.77
C ASP B 60 -10.38 28.80 1.28
N LEU B 61 -9.27 28.52 0.64
CA LEU B 61 -8.45 27.34 0.97
C LEU B 61 -7.13 27.75 1.61
N THR B 62 -6.70 26.95 2.59
CA THR B 62 -5.34 27.08 3.16
C THR B 62 -4.69 25.70 3.17
N GLN B 63 -3.40 25.70 2.83
CA GLN B 63 -2.47 24.62 3.20
C GLN B 63 -2.37 24.59 4.74
N LEU B 64 -2.35 23.36 5.25
CA LEU B 64 -2.05 23.01 6.64
C LEU B 64 -0.95 21.94 6.61
N GLY B 65 0.09 22.07 7.44
CA GLY B 65 0.87 20.88 7.88
C GLY B 65 -0.06 19.77 8.34
N THR B 66 0.28 18.53 8.06
CA THR B 66 -0.52 17.36 8.56
C THR B 66 -0.76 17.51 10.04
N THR B 67 0.22 18.01 10.79
CA THR B 67 0.20 18.00 12.27
C THR B 67 -0.60 19.20 12.78
N TRP B 68 -1.03 20.09 11.88
CA TRP B 68 -1.88 21.27 12.19
C TRP B 68 -3.38 20.94 12.13
N VAL B 69 -3.76 19.85 11.46
CA VAL B 69 -5.17 19.56 11.08
C VAL B 69 -5.98 19.47 12.37
N GLY B 70 -5.48 18.78 13.39
CA GLY B 70 -6.22 18.67 14.66
C GLY B 70 -6.57 19.98 15.30
N ALA B 71 -5.56 20.81 15.46
CA ALA B 71 -5.65 22.12 16.13
C ALA B 71 -6.68 22.96 15.40
N ILE B 72 -6.55 23.14 14.08
CA ILE B 72 -7.46 24.05 13.34
C ILE B 72 -8.87 23.46 13.30
N SER B 73 -9.00 22.15 13.10
CA SER B 73 -10.33 21.47 13.14
C SER B 73 -11.05 21.72 14.45
N ALA B 74 -10.36 21.65 15.59
CA ALA B 74 -10.95 21.76 16.94
C ALA B 74 -11.50 23.16 17.13
N MET B 75 -10.97 24.14 16.39
CA MET B 75 -11.48 25.52 16.46
C MET B 75 -12.87 25.62 15.81
N GLY B 76 -13.33 24.59 15.13
CA GLY B 76 -14.69 24.51 14.56
C GLY B 76 -14.83 25.36 13.30
N VAL B 77 -13.74 25.65 12.59
CA VAL B 77 -13.74 26.64 11.49
C VAL B 77 -13.64 25.96 10.13
N LEU B 78 -13.50 24.64 10.07
CA LEU B 78 -13.29 23.95 8.79
C LEU B 78 -14.55 23.25 8.29
N GLU B 79 -14.80 23.42 7.00
CA GLU B 79 -15.89 22.79 6.24
C GLU B 79 -15.60 21.31 6.05
N PRO B 80 -16.58 20.41 6.28
CA PRO B 80 -16.33 19.01 6.01
C PRO B 80 -16.05 18.78 4.52
N VAL B 81 -15.15 17.85 4.24
CA VAL B 81 -14.71 17.50 2.87
C VAL B 81 -14.79 15.97 2.70
N ASP B 82 -15.63 15.25 3.47
CA ASP B 82 -15.88 13.82 3.19
C ASP B 82 -16.31 13.62 1.73
N ASP B 83 -17.12 14.51 1.18
CA ASP B 83 -17.56 14.44 -0.24
C ASP B 83 -16.38 14.48 -1.22
N VAL B 84 -15.45 15.44 -1.03
CA VAL B 84 -14.26 15.56 -1.87
C VAL B 84 -13.50 14.25 -1.76
N LEU B 85 -13.26 13.76 -0.56
CA LEU B 85 -12.41 12.57 -0.32
C LEU B 85 -13.07 11.35 -0.96
N GLU B 86 -14.39 11.23 -0.91
CA GLU B 86 -15.16 10.13 -1.55
C GLU B 86 -14.92 10.19 -3.06
N ALA B 87 -14.95 11.40 -3.67
CA ALA B 87 -14.68 11.57 -5.12
C ALA B 87 -13.28 11.02 -5.47
N LEU B 88 -12.31 11.16 -4.57
CA LEU B 88 -10.89 10.79 -4.81
C LEU B 88 -10.63 9.32 -4.49
N GLY B 89 -11.62 8.61 -3.94
CA GLY B 89 -11.62 7.15 -3.73
C GLY B 89 -11.73 6.72 -2.29
N GLY B 90 -12.02 7.65 -1.40
CA GLY B 90 -12.06 7.58 0.07
C GLY B 90 -10.87 6.86 0.69
N GLU B 91 -11.17 6.13 1.73
CA GLU B 91 -10.10 5.59 2.59
C GLU B 91 -9.14 4.66 1.83
N LYS B 92 -9.66 3.89 0.88
CA LYS B 92 -8.91 3.01 -0.02
C LYS B 92 -7.79 3.75 -0.80
N ALA B 93 -7.97 4.99 -1.19
CA ALA B 93 -7.09 5.71 -2.13
C ALA B 93 -5.90 6.33 -1.39
N TYR B 94 -5.85 6.21 -0.06
CA TYR B 94 -4.80 6.79 0.83
C TYR B 94 -4.11 5.72 1.68
N LEU B 95 -2.79 5.89 1.90
CA LEU B 95 -2.14 5.08 2.96
C LEU B 95 -2.86 5.38 4.28
N PRO B 96 -3.06 4.38 5.17
CA PRO B 96 -3.68 4.63 6.49
C PRO B 96 -3.07 5.81 7.27
N ALA B 97 -1.74 5.96 7.30
CA ALA B 97 -1.11 7.09 8.00
C ALA B 97 -1.51 8.44 7.37
N VAL B 98 -1.66 8.49 6.04
CA VAL B 98 -2.19 9.70 5.33
C VAL B 98 -3.67 9.95 5.69
N TRP B 99 -4.50 8.91 5.71
CA TRP B 99 -5.94 9.04 6.00
C TRP B 99 -6.19 9.62 7.40
N ARG B 100 -5.36 9.27 8.36
CA ARG B 100 -5.38 9.81 9.73
C ARG B 100 -5.23 11.35 9.74
N THR B 101 -4.55 11.96 8.78
CA THR B 101 -4.28 13.43 8.73
C THR B 101 -5.50 14.15 8.13
N THR B 102 -6.56 13.43 7.74
CA THR B 102 -7.76 14.06 7.11
C THR B 102 -8.69 14.65 8.16
N ARG B 103 -8.48 14.40 9.45
CA ARG B 103 -9.43 14.79 10.49
C ARG B 103 -8.73 14.91 11.85
N LEU B 104 -9.35 15.68 12.75
CA LEU B 104 -9.08 15.60 14.19
C LEU B 104 -9.19 14.14 14.63
N GLU B 105 -8.21 13.68 15.42
CA GLU B 105 -8.19 12.31 15.98
C GLU B 105 -9.59 11.95 16.51
N GLY B 106 -10.13 10.84 15.99
CA GLY B 106 -11.41 10.27 16.42
C GLY B 106 -12.61 11.01 15.86
N ALA B 107 -12.45 12.09 15.07
CA ALA B 107 -13.63 12.78 14.49
C ALA B 107 -14.22 11.89 13.38
N ARG B 108 -15.53 11.99 13.22
CA ARG B 108 -16.35 11.39 12.12
C ARG B 108 -16.00 12.02 10.78
N GLN B 109 -16.11 13.34 10.75
CA GLN B 109 -16.05 14.12 9.49
C GLN B 109 -14.61 14.54 9.17
N ALA B 110 -14.24 14.33 7.92
CA ALA B 110 -12.95 14.83 7.40
C ALA B 110 -13.01 16.33 7.28
N THR B 111 -11.88 16.99 7.57
CA THR B 111 -11.76 18.46 7.45
C THR B 111 -10.52 18.84 6.65
N ALA B 112 -9.67 17.90 6.25
CA ALA B 112 -8.55 18.26 5.35
C ALA B 112 -8.34 17.24 4.24
N VAL B 113 -7.85 17.72 3.11
CA VAL B 113 -7.62 16.93 1.88
C VAL B 113 -6.12 16.73 1.69
N PRO B 114 -5.63 15.47 1.65
CA PRO B 114 -4.18 15.26 1.57
C PRO B 114 -3.66 15.90 0.27
N TRP B 115 -2.53 16.60 0.37
CA TRP B 115 -1.98 17.31 -0.81
C TRP B 115 -0.69 16.63 -1.24
N PHE B 116 0.31 16.58 -0.38
CA PHE B 116 1.55 15.83 -0.63
C PHE B 116 2.07 15.23 0.67
N SER B 117 2.87 14.20 0.53
CA SER B 117 3.44 13.42 1.66
C SER B 117 4.95 13.63 1.68
N GLU B 118 5.48 14.01 2.84
CA GLU B 118 6.90 13.86 3.20
C GLU B 118 7.07 12.47 3.82
N LEU B 119 8.06 11.69 3.39
CA LEU B 119 8.38 10.41 4.04
C LEU B 119 9.91 10.28 3.99
N ARG B 120 10.44 9.43 4.89
CA ARG B 120 11.89 9.38 5.15
C ARG B 120 12.37 7.97 4.89
N ALA B 121 13.40 7.84 4.08
CA ALA B 121 14.14 6.57 3.92
C ALA B 121 15.65 6.85 3.94
N PHE B 122 16.47 5.82 4.08
CA PHE B 122 17.94 5.95 4.07
C PHE B 122 18.46 5.91 2.65
N TYR B 123 19.14 6.98 2.33
CA TYR B 123 20.09 7.06 1.22
C TYR B 123 21.42 6.49 1.70
N TYR B 124 22.14 5.82 0.82
CA TYR B 124 23.46 5.21 1.10
C TYR B 124 24.36 5.23 -0.15
N ARG B 125 25.67 5.30 0.10
CA ARG B 125 26.75 5.26 -0.90
C ARG B 125 26.97 3.81 -1.28
N THR B 126 26.54 3.38 -2.46
CA THR B 126 26.64 1.92 -2.84
C THR B 126 28.12 1.55 -2.90
N ASP B 127 28.99 2.52 -3.19
CA ASP B 127 30.45 2.31 -3.29
C ASP B 127 31.04 2.15 -1.90
N ALA B 128 30.56 2.89 -0.93
CA ALA B 128 31.09 2.90 0.44
C ALA B 128 30.70 1.58 1.07
N LEU B 129 29.42 1.23 0.94
CA LEU B 129 28.94 -0.05 1.52
C LEU B 129 29.72 -1.19 0.91
N LYS B 130 29.91 -1.19 -0.40
CA LYS B 130 30.67 -2.28 -1.08
C LYS B 130 32.09 -2.32 -0.50
N ALA B 131 32.79 -1.20 -0.49
CA ALA B 131 34.15 -1.13 0.06
C ALA B 131 34.20 -1.59 1.53
N ALA B 132 33.13 -1.41 2.34
CA ALA B 132 33.10 -1.81 3.77
C ALA B 132 32.69 -3.29 3.93
N GLY B 133 32.30 -4.00 2.87
CA GLY B 133 31.80 -5.38 2.98
C GLY B 133 30.43 -5.44 3.65
N VAL B 134 29.60 -4.44 3.37
CA VAL B 134 28.26 -4.31 4.00
C VAL B 134 27.24 -4.53 2.90
N ASN B 135 26.30 -5.46 3.10
CA ASN B 135 25.21 -5.76 2.14
C ASN B 135 24.04 -4.85 2.51
N PRO B 136 23.63 -3.90 1.66
CA PRO B 136 22.59 -2.96 2.04
C PRO B 136 21.27 -3.64 2.43
N ALA B 137 20.88 -4.77 1.78
CA ALA B 137 19.63 -5.45 2.16
C ALA B 137 19.80 -5.94 3.60
N GLU B 138 20.98 -6.35 4.01
CA GLU B 138 21.15 -6.76 5.41
C GLU B 138 21.19 -5.54 6.36
N MET B 139 21.95 -4.52 6.00
CA MET B 139 22.19 -3.34 6.85
C MET B 139 20.83 -2.71 7.20
N PHE B 140 19.93 -2.61 6.22
CA PHE B 140 18.63 -1.91 6.42
C PHE B 140 17.47 -2.88 6.72
N ALA B 141 17.68 -4.17 6.98
CA ALA B 141 16.59 -5.10 7.34
C ALA B 141 16.21 -4.88 8.82
N SER B 142 17.20 -4.62 9.72
CA SER B 142 16.94 -4.64 11.16
C SER B 142 17.90 -3.72 11.88
N TRP B 143 17.53 -3.29 13.08
CA TRP B 143 18.44 -2.55 13.98
C TRP B 143 19.80 -3.23 14.08
N GLN B 144 19.82 -4.55 14.26
CA GLN B 144 21.09 -5.30 14.42
C GLN B 144 21.94 -5.11 13.16
N GLY B 145 21.35 -5.32 11.99
CA GLY B 145 22.06 -5.15 10.71
C GLY B 145 22.53 -3.73 10.59
N PHE B 146 21.73 -2.76 11.09
CA PHE B 146 22.03 -1.33 10.85
C PHE B 146 23.28 -0.96 11.67
N GLU B 147 23.30 -1.33 12.93
CA GLU B 147 24.46 -1.04 13.81
C GLU B 147 25.68 -1.81 13.30
N ALA B 148 25.53 -3.08 12.93
CA ALA B 148 26.66 -3.89 12.43
C ALA B 148 27.27 -3.22 11.19
N GLY B 149 26.43 -2.70 10.27
CA GLY B 149 26.91 -2.04 9.04
C GLY B 149 27.65 -0.76 9.37
N LEU B 150 27.14 0.03 10.32
CA LEU B 150 27.78 1.29 10.75
C LEU B 150 29.19 0.99 11.32
N ALA B 151 29.32 -0.05 12.17
CA ALA B 151 30.63 -0.46 12.74
C ALA B 151 31.58 -0.77 11.59
N ARG B 152 31.13 -1.53 10.58
CA ARG B 152 32.01 -1.90 9.45
C ARG B 152 32.37 -0.65 8.67
N LEU B 153 31.42 0.25 8.51
CA LEU B 153 31.63 1.52 7.77
C LEU B 153 32.63 2.41 8.51
N LYS B 154 32.63 2.43 9.86
CA LYS B 154 33.61 3.21 10.65
C LYS B 154 35.02 2.63 10.47
N ALA B 155 35.12 1.32 10.48
CA ALA B 155 36.39 0.55 10.26
C ALA B 155 36.96 0.66 8.83
N SER B 156 36.15 0.91 7.80
CA SER B 156 36.55 0.90 6.37
C SER B 156 37.69 1.89 6.11
N SER B 157 38.62 1.50 5.22
CA SER B 157 39.70 2.37 4.67
C SER B 157 39.26 3.08 3.38
N PHE B 158 38.00 2.89 2.91
CA PHE B 158 37.47 3.55 1.68
C PHE B 158 37.62 5.07 1.82
N ARG B 159 37.93 5.74 0.71
CA ARG B 159 38.00 7.22 0.65
C ARG B 159 37.17 7.67 -0.53
N ASP B 160 36.34 8.71 -0.37
CA ASP B 160 35.63 9.31 -1.55
C ASP B 160 36.62 9.65 -2.66
N PRO B 161 36.36 9.19 -3.90
CA PRO B 161 37.22 9.51 -5.05
C PRO B 161 37.48 11.00 -5.27
N GLU B 162 36.49 11.88 -4.98
CA GLU B 162 36.61 13.39 -5.14
C GLU B 162 37.23 14.05 -3.90
N THR B 163 36.82 13.70 -2.68
CA THR B 163 37.36 14.33 -1.41
C THR B 163 38.69 13.72 -1.00
N LYS B 164 39.01 12.54 -1.54
CA LYS B 164 40.23 11.76 -1.16
C LYS B 164 40.25 11.56 0.37
N ALA B 165 39.10 11.59 1.01
CA ALA B 165 38.93 11.48 2.47
C ALA B 165 37.84 10.44 2.79
N PRO B 166 37.86 9.93 4.04
CA PRO B 166 36.88 8.95 4.50
C PRO B 166 35.50 9.59 4.61
N LEU B 167 34.48 8.72 4.79
CA LEU B 167 33.05 9.09 4.95
C LEU B 167 32.64 8.81 6.39
N ALA B 168 31.87 9.71 7.00
CA ALA B 168 31.14 9.46 8.25
C ALA B 168 30.17 8.32 7.99
N PRO B 169 30.06 7.31 8.88
CA PRO B 169 29.12 6.21 8.69
C PRO B 169 27.68 6.69 8.62
N LEU B 170 27.28 7.63 9.48
CA LEU B 170 25.91 8.15 9.48
C LEU B 170 25.95 9.66 9.73
N CYS B 171 25.16 10.41 8.99
CA CYS B 171 24.97 11.85 9.28
C CYS B 171 23.52 12.08 9.63
N THR B 172 23.28 12.82 10.69
CA THR B 172 21.94 13.23 11.09
C THR B 172 22.11 14.54 11.84
N PRO B 173 21.09 15.40 11.82
CA PRO B 173 21.03 16.53 12.75
C PRO B 173 20.68 16.04 14.18
N GLY B 174 20.94 16.89 15.18
CA GLY B 174 20.11 17.16 16.38
C GLY B 174 20.09 18.67 16.67
N ARG B 175 20.62 19.51 15.74
CA ARG B 175 20.37 21.00 15.69
C ARG B 175 19.17 21.36 14.80
N THR B 176 17.96 20.95 15.21
CA THR B 176 16.74 21.25 14.43
C THR B 176 15.48 21.15 15.29
N PRO B 177 14.53 22.04 15.01
CA PRO B 177 13.19 21.89 15.57
C PRO B 177 12.41 20.66 15.06
N ARG B 178 12.95 19.96 14.07
CA ARG B 178 12.31 18.78 13.42
C ARG B 178 12.96 17.48 13.91
N THR B 179 13.59 17.56 15.08
CA THR B 179 14.33 16.44 15.68
C THR B 179 13.35 15.31 15.99
N LEU B 180 12.11 15.61 16.38
CA LEU B 180 11.18 14.52 16.75
C LEU B 180 10.95 13.59 15.56
N HIS B 181 10.84 14.11 14.35
CA HIS B 181 10.55 13.28 13.16
C HIS B 181 11.68 12.29 12.88
N ASN B 182 12.90 12.66 13.22
CA ASN B 182 14.08 11.81 13.09
C ASN B 182 14.04 10.67 14.13
N ALA B 183 13.56 10.97 15.33
CA ALA B 183 13.53 10.06 16.46
C ALA B 183 12.34 9.11 16.35
N ALA B 184 11.23 9.54 15.76
CA ALA B 184 9.91 8.88 15.75
C ALA B 184 10.01 7.42 15.27
N PRO B 185 10.65 7.09 14.13
CA PRO B 185 10.74 5.69 13.70
C PRO B 185 11.51 4.76 14.68
N TRP B 186 12.45 5.28 15.46
CA TRP B 186 13.19 4.48 16.47
C TRP B 186 12.28 4.28 17.68
N ILE B 187 11.56 5.34 18.07
CA ILE B 187 10.54 5.18 19.14
C ILE B 187 9.54 4.12 18.71
N TRP B 188 9.02 4.25 17.51
CA TRP B 188 7.94 3.34 17.05
C TRP B 188 8.49 1.93 16.85
N GLY B 189 9.72 1.77 16.31
CA GLY B 189 10.30 0.47 16.01
C GLY B 189 10.45 -0.40 17.25
N ALA B 190 10.59 0.25 18.39
CA ALA B 190 10.90 -0.34 19.70
C ALA B 190 9.60 -0.71 20.41
N GLY B 191 8.48 -0.41 19.79
CA GLY B 191 7.13 -0.56 20.36
C GLY B 191 6.67 0.61 21.18
N GLY B 192 7.34 1.74 21.02
CA GLY B 192 6.98 2.94 21.77
C GLY B 192 6.05 3.83 21.01
N GLU B 193 5.68 4.93 21.65
CA GLU B 193 4.96 6.04 20.99
C GLU B 193 5.35 7.34 21.65
N ILE B 194 4.97 8.47 21.05
CA ILE B 194 5.18 9.79 21.67
C ILE B 194 4.08 10.00 22.71
N VAL B 195 2.85 9.75 22.30
CA VAL B 195 1.63 9.82 23.16
C VAL B 195 0.79 8.61 22.86
N ARG B 196 0.04 8.18 23.84
CA ARG B 196 -0.78 6.99 23.64
C ARG B 196 -2.14 7.24 24.29
N GLN B 197 -3.15 6.77 23.59
CA GLN B 197 -4.53 6.76 24.09
C GLN B 197 -4.68 5.31 24.51
N ALA B 198 -4.88 5.15 25.78
CA ALA B 198 -4.99 3.87 26.50
C ALA B 198 -5.40 4.27 27.90
N GLY B 199 -6.35 3.55 28.47
CA GLY B 199 -6.84 3.94 29.81
C GLY B 199 -7.83 5.10 29.71
N GLY B 200 -8.37 5.34 28.51
CA GLY B 200 -9.41 6.35 28.32
C GLY B 200 -8.93 7.78 28.11
N ARG B 201 -7.66 8.05 27.80
CA ARG B 201 -7.23 9.47 27.54
C ARG B 201 -5.86 9.50 26.87
N TRP B 202 -5.39 10.69 26.45
CA TRP B 202 -4.04 10.78 25.83
C TRP B 202 -3.01 11.11 26.90
N GLN B 203 -1.86 10.48 26.79
CA GLN B 203 -0.73 10.63 27.74
C GLN B 203 0.56 10.49 26.96
N SER B 204 1.61 11.13 27.45
CA SER B 204 2.98 10.88 26.98
C SER B 204 3.35 9.40 27.17
N ALA B 205 4.05 8.81 26.19
CA ALA B 205 4.67 7.48 26.37
C ALA B 205 6.15 7.64 26.04
N LEU B 206 6.66 8.88 26.08
CA LEU B 206 8.09 9.13 25.82
C LEU B 206 8.99 8.51 26.89
N ASN B 207 8.51 8.30 28.11
CA ASN B 207 9.27 7.68 29.22
C ASN B 207 8.87 6.20 29.38
N SER B 208 8.23 5.62 28.40
CA SER B 208 7.92 4.18 28.37
C SER B 208 9.24 3.46 28.20
N PRO B 209 9.39 2.24 28.72
CA PRO B 209 10.59 1.43 28.46
C PRO B 209 10.93 1.28 26.96
N GLU B 210 9.90 1.10 26.15
CA GLU B 210 10.03 0.90 24.70
C GLU B 210 10.52 2.21 24.06
N SER B 211 9.89 3.35 24.35
CA SER B 211 10.31 4.65 23.75
C SER B 211 11.76 4.93 24.14
N LEU B 212 12.11 4.66 25.41
CA LEU B 212 13.46 4.91 25.94
C LEU B 212 14.47 3.94 25.24
N GLU B 213 14.07 2.71 24.91
CA GLU B 213 14.95 1.71 24.24
C GLU B 213 15.25 2.23 22.83
N GLY B 214 14.23 2.76 22.16
CA GLY B 214 14.41 3.31 20.79
C GLY B 214 15.22 4.59 20.77
N LEU B 215 14.87 5.57 21.60
CA LEU B 215 15.62 6.84 21.69
C LEU B 215 17.08 6.53 21.95
N TYR B 216 17.35 5.66 22.90
CA TYR B 216 18.76 5.43 23.29
C TYR B 216 19.49 4.73 22.15
N PHE B 217 18.85 3.80 21.46
CA PHE B 217 19.44 3.06 20.32
C PHE B 217 19.95 4.07 19.31
N PHE B 218 19.10 5.00 18.94
CA PHE B 218 19.39 6.03 17.90
C PHE B 218 20.43 7.04 18.36
N LEU B 219 20.22 7.64 19.54
CA LEU B 219 21.08 8.75 20.05
C LEU B 219 22.48 8.21 20.34
N SER B 220 22.59 6.99 20.85
CA SER B 220 23.87 6.34 21.23
C SER B 220 24.74 6.09 19.99
N LEU B 221 24.14 5.91 18.81
CA LEU B 221 24.94 5.68 17.59
C LEU B 221 25.91 6.83 17.41
N ALA B 222 25.52 8.09 17.75
CA ALA B 222 26.47 9.22 17.66
C ALA B 222 27.64 9.08 18.64
N GLN B 223 27.39 8.69 19.90
CA GLN B 223 28.45 8.54 20.93
C GLN B 223 29.35 7.35 20.60
N LYS B 224 28.86 6.40 19.81
CA LYS B 224 29.66 5.21 19.43
C LYS B 224 30.65 5.58 18.34
N GLY B 225 30.57 6.79 17.80
CA GLY B 225 31.50 7.33 16.81
C GLY B 225 30.95 7.17 15.40
N TYR B 226 29.65 6.87 15.23
CA TYR B 226 29.09 6.66 13.87
C TYR B 226 28.66 8.00 13.28
N VAL B 227 28.38 8.99 14.11
CA VAL B 227 27.95 10.34 13.60
C VAL B 227 29.02 11.37 13.97
N PRO B 228 29.56 12.14 13.02
CA PRO B 228 30.61 13.07 13.35
C PRO B 228 30.14 14.30 14.11
N ALA B 229 31.05 14.88 14.87
CA ALA B 229 30.81 16.11 15.65
C ALA B 229 30.08 17.18 14.83
N GLU B 230 30.51 17.46 13.61
CA GLU B 230 29.95 18.57 12.80
C GLU B 230 28.47 18.33 12.46
N SER B 231 28.09 17.07 12.28
CA SER B 231 26.69 16.71 11.97
C SER B 231 25.72 17.24 13.02
N LEU B 232 26.07 17.18 14.29
CA LEU B 232 25.14 17.65 15.34
C LEU B 232 25.02 19.18 15.40
N GLU B 233 25.88 19.95 14.74
CA GLU B 233 25.77 21.43 14.73
C GLU B 233 24.98 21.88 13.49
N LYS B 234 24.37 20.93 12.78
CA LYS B 234 23.84 21.21 11.43
C LYS B 234 22.35 20.94 11.35
N ASN B 235 21.67 21.71 10.48
CA ASN B 235 20.21 21.61 10.25
C ASN B 235 20.01 20.60 9.11
N THR B 236 18.78 20.39 8.70
CA THR B 236 18.42 19.35 7.72
C THR B 236 19.13 19.59 6.37
N ALA B 237 19.16 20.83 5.90
CA ALA B 237 19.76 21.22 4.58
C ALA B 237 21.28 21.07 4.58
N GLN B 238 21.93 21.35 5.69
CA GLN B 238 23.40 21.22 5.78
C GLN B 238 23.79 19.74 5.72
N ILE B 239 22.96 18.87 6.29
CA ILE B 239 23.27 17.41 6.24
C ILE B 239 23.12 16.94 4.80
N GLU B 240 22.06 17.38 4.09
CA GLU B 240 21.88 17.07 2.64
C GLU B 240 23.19 17.42 1.95
N ALA B 241 23.66 18.67 2.11
CA ALA B 241 24.88 19.19 1.42
C ALA B 241 26.06 18.28 1.76
N ASP B 242 26.18 17.84 3.03
CA ASP B 242 27.32 16.97 3.45
C ASP B 242 27.25 15.66 2.65
N PHE B 243 26.04 15.10 2.48
CA PHE B 243 25.96 13.82 1.74
C PHE B 243 26.29 14.01 0.25
N GLN B 244 25.76 15.04 -0.40
CA GLN B 244 26.04 15.35 -1.82
C GLN B 244 27.57 15.51 -2.00
N ALA B 245 28.27 16.06 -1.01
CA ALA B 245 29.72 16.44 -1.11
C ALA B 245 30.60 15.25 -0.71
N GLY B 246 30.02 14.05 -0.55
CA GLY B 246 30.81 12.84 -0.32
C GLY B 246 31.24 12.69 1.13
N LYS B 247 30.61 13.31 2.12
CA LYS B 247 31.10 13.26 3.52
C LYS B 247 30.42 12.18 4.39
N CYS B 248 29.36 11.56 3.88
CA CYS B 248 28.43 10.68 4.66
C CYS B 248 28.17 9.42 3.86
N ALA B 249 28.32 8.24 4.49
CA ALA B 249 27.97 6.98 3.81
C ALA B 249 26.43 6.83 3.77
N VAL B 250 25.74 7.30 4.82
CA VAL B 250 24.32 7.01 5.10
C VAL B 250 23.69 8.26 5.71
N PHE B 251 22.51 8.61 5.21
CA PHE B 251 21.66 9.65 5.82
C PHE B 251 20.20 9.44 5.43
N ALA B 252 19.27 9.93 6.26
CA ALA B 252 17.81 9.82 6.06
C ALA B 252 17.37 11.10 5.35
N SER B 253 16.63 10.94 4.26
CA SER B 253 15.93 12.10 3.63
C SER B 253 14.65 11.66 2.94
N GLY B 254 14.02 12.58 2.22
CA GLY B 254 12.82 12.27 1.43
C GLY B 254 13.13 12.04 -0.04
N PRO B 255 12.09 11.85 -0.87
CA PRO B 255 12.29 11.50 -2.29
C PRO B 255 12.93 12.58 -3.16
N TRP B 256 13.00 13.81 -2.66
CA TRP B 256 13.55 14.95 -3.44
C TRP B 256 15.02 14.69 -3.81
N MET B 257 15.78 13.93 -2.99
CA MET B 257 17.21 13.66 -3.29
C MET B 257 17.38 12.94 -4.63
N ILE B 258 16.45 12.08 -5.03
CA ILE B 258 16.55 11.28 -6.26
C ILE B 258 16.53 12.27 -7.42
N GLN B 259 15.58 13.18 -7.39
CA GLN B 259 15.37 14.27 -8.40
C GLN B 259 16.69 15.05 -8.47
N ARG B 260 17.17 15.51 -7.32
CA ARG B 260 18.43 16.28 -7.22
C ARG B 260 19.62 15.51 -7.77
N ALA B 261 19.69 14.18 -7.60
CA ALA B 261 20.80 13.34 -8.12
C ALA B 261 20.81 13.34 -9.65
N GLN B 262 19.69 13.65 -10.28
CA GLN B 262 19.49 13.60 -11.76
C GLN B 262 19.84 14.94 -12.40
N VAL B 263 20.04 15.99 -11.60
CA VAL B 263 20.07 17.41 -12.08
C VAL B 263 21.46 17.96 -11.77
N PRO B 264 22.07 18.73 -12.71
CA PRO B 264 23.38 19.34 -12.43
C PRO B 264 23.34 20.33 -11.24
N GLU B 265 24.51 20.50 -10.61
CA GLU B 265 24.71 21.48 -9.49
C GLU B 265 24.19 22.86 -9.90
N ALA B 266 24.35 23.27 -11.16
CA ALA B 266 23.92 24.60 -11.69
C ALA B 266 22.40 24.77 -11.65
N LYS B 267 21.66 23.66 -11.56
CA LYS B 267 20.17 23.64 -11.50
C LYS B 267 19.70 23.28 -10.07
N GLY B 268 20.64 23.29 -9.12
CA GLY B 268 20.47 23.00 -7.68
C GLY B 268 20.43 21.51 -7.40
N GLY B 269 20.99 20.67 -8.27
CA GLY B 269 21.08 19.21 -8.00
C GLY B 269 22.50 18.86 -7.62
N PHE B 270 22.91 17.61 -7.80
CA PHE B 270 24.31 17.17 -7.56
C PHE B 270 24.71 16.04 -8.50
N ALA B 271 24.20 16.00 -9.75
CA ALA B 271 24.46 14.89 -10.71
C ALA B 271 25.94 14.66 -11.00
N GLU B 272 26.80 15.69 -10.92
CA GLU B 272 28.24 15.56 -11.22
C GLU B 272 28.95 14.78 -10.11
N ARG B 273 28.41 14.79 -8.89
CA ARG B 273 29.11 14.31 -7.67
CA ARG B 273 29.12 14.32 -7.67
C ARG B 273 29.01 12.78 -7.57
N THR B 274 30.07 12.16 -7.05
CA THR B 274 30.21 10.69 -6.90
C THR B 274 28.96 10.13 -6.24
N ALA B 275 28.47 10.76 -5.18
CA ALA B 275 27.29 10.30 -4.41
C ALA B 275 26.08 10.12 -5.35
N ALA B 276 25.85 11.04 -6.29
CA ALA B 276 24.75 10.91 -7.27
C ALA B 276 24.94 9.64 -8.11
N LYS B 277 26.18 9.28 -8.42
CA LYS B 277 26.49 8.17 -9.33
C LYS B 277 26.56 6.84 -8.57
N ASN B 278 26.67 6.88 -7.23
CA ASN B 278 26.73 5.68 -6.35
C ASN B 278 25.61 5.73 -5.30
N LEU B 279 24.37 5.92 -5.76
CA LEU B 279 23.26 6.26 -4.87
C LEU B 279 22.33 5.07 -4.72
N GLY B 280 22.09 4.68 -3.47
CA GLY B 280 21.09 3.67 -3.14
C GLY B 280 20.08 4.24 -2.14
N VAL B 281 18.90 3.61 -2.08
CA VAL B 281 17.90 3.99 -1.06
C VAL B 281 17.39 2.72 -0.42
N ALA B 282 17.13 2.75 0.89
CA ALA B 282 16.46 1.63 1.59
C ALA B 282 15.49 2.19 2.63
N PRO B 283 14.39 1.46 2.88
CA PRO B 283 13.53 1.80 4.00
C PRO B 283 14.27 1.75 5.34
N TYR B 284 13.71 2.42 6.32
CA TYR B 284 14.14 2.29 7.73
C TYR B 284 14.09 0.82 8.14
N PRO B 285 15.01 0.39 9.02
CA PRO B 285 15.07 -1.03 9.42
C PRO B 285 13.93 -1.42 10.36
N ALA B 286 13.51 -2.69 10.37
CA ALA B 286 12.64 -3.24 11.44
C ALA B 286 13.31 -3.14 12.82
N GLY B 287 12.60 -2.60 13.82
CA GLY B 287 13.04 -2.73 15.22
C GLY B 287 12.44 -3.98 15.87
N PRO B 288 12.62 -4.12 17.19
CA PRO B 288 12.09 -5.28 17.91
C PRO B 288 10.56 -5.42 17.74
N LYS B 289 9.78 -4.35 17.54
CA LYS B 289 8.30 -4.45 17.52
C LYS B 289 7.66 -3.91 16.23
N GLY B 290 8.47 -3.61 15.24
CA GLY B 290 7.90 -3.31 13.91
C GLY B 290 8.87 -2.49 13.09
N ARG B 291 8.46 -2.27 11.84
CA ARG B 291 9.10 -1.36 10.90
C ARG B 291 8.15 -0.19 10.61
N TYR B 292 8.64 1.02 10.71
CA TYR B 292 7.82 2.25 10.57
C TYR B 292 8.56 3.31 9.78
N THR B 293 7.86 3.94 8.84
CA THR B 293 8.36 5.04 8.00
C THR B 293 7.64 6.30 8.45
N PHE B 294 8.37 7.31 8.90
CA PHE B 294 7.79 8.61 9.28
C PHE B 294 7.12 9.26 8.07
N PHE B 295 5.87 9.66 8.27
CA PHE B 295 5.12 10.44 7.24
C PHE B 295 4.75 11.80 7.81
N GLY B 296 4.97 12.80 7.01
CA GLY B 296 4.40 14.14 7.24
C GLY B 296 3.92 14.68 5.93
N GLY B 297 3.98 15.99 5.73
CA GLY B 297 3.50 16.59 4.49
C GLY B 297 2.44 17.64 4.80
N SER B 298 1.67 17.97 3.80
CA SER B 298 0.66 19.03 3.89
C SER B 298 -0.62 18.56 3.22
N ASN B 299 -1.68 19.13 3.77
CA ASN B 299 -3.06 18.98 3.33
C ASN B 299 -3.61 20.36 2.96
N LEU B 300 -4.78 20.35 2.38
CA LEU B 300 -5.59 21.54 2.09
C LEU B 300 -6.89 21.52 2.87
N ALA B 301 -7.29 22.69 3.39
CA ALA B 301 -8.55 22.79 4.15
C ALA B 301 -9.40 23.95 3.62
N LEU B 302 -10.70 23.85 3.76
CA LEU B 302 -11.65 24.90 3.31
C LEU B 302 -12.30 25.51 4.55
N PHE B 303 -12.14 26.82 4.71
CA PHE B 303 -12.71 27.56 5.86
C PHE B 303 -14.23 27.60 5.70
N ASN B 304 -14.94 27.42 6.79
CA ASN B 304 -16.41 27.24 6.71
C ASN B 304 -17.04 28.62 6.53
N PHE B 305 -16.27 29.70 6.58
CA PHE B 305 -16.83 31.05 6.31
C PHE B 305 -16.64 31.41 4.82
N SER B 306 -15.92 30.61 4.03
CA SER B 306 -15.80 30.81 2.57
C SER B 306 -17.17 31.00 1.93
N LYS B 307 -17.24 32.00 1.04
CA LYS B 307 -18.38 32.30 0.16
C LYS B 307 -18.39 31.43 -1.10
N ASN B 308 -17.36 30.60 -1.32
CA ASN B 308 -17.06 29.94 -2.62
C ASN B 308 -16.84 28.45 -2.37
N LYS B 309 -17.58 27.86 -1.43
CA LYS B 309 -17.40 26.49 -0.96
C LYS B 309 -17.54 25.49 -2.13
N PRO B 310 -18.60 25.53 -2.97
CA PRO B 310 -18.70 24.56 -4.05
C PRO B 310 -17.53 24.62 -5.04
N LEU B 311 -17.12 25.83 -5.43
CA LEU B 311 -16.01 26.00 -6.41
C LEU B 311 -14.69 25.52 -5.80
N ALA B 312 -14.48 25.91 -4.55
CA ALA B 312 -13.28 25.56 -3.78
C ALA B 312 -13.19 24.04 -3.63
N LYS B 313 -14.30 23.35 -3.42
CA LYS B 313 -14.36 21.88 -3.33
C LYS B 313 -13.98 21.27 -4.68
N GLU B 314 -14.38 21.92 -5.79
CA GLU B 314 -13.95 21.48 -7.13
C GLU B 314 -12.45 21.66 -7.23
N LEU B 315 -11.89 22.76 -6.70
CA LEU B 315 -10.42 22.92 -6.77
C LEU B 315 -9.75 21.87 -5.86
N LEU B 316 -10.29 21.61 -4.66
CA LEU B 316 -9.84 20.49 -3.76
C LEU B 316 -9.83 19.15 -4.54
N LYS B 317 -10.87 18.88 -5.33
CA LYS B 317 -10.90 17.62 -6.12
C LYS B 317 -9.78 17.64 -7.16
N TYR B 318 -9.55 18.77 -7.84
CA TYR B 318 -8.50 18.89 -8.89
C TYR B 318 -7.11 18.69 -8.22
N LEU B 319 -6.82 19.42 -7.15
CA LEU B 319 -5.49 19.39 -6.51
C LEU B 319 -5.30 18.02 -5.85
N GLY B 320 -6.36 17.34 -5.39
CA GLY B 320 -6.18 16.05 -4.70
C GLY B 320 -6.13 14.89 -5.69
N GLY B 321 -6.46 15.14 -6.97
CA GLY B 321 -6.69 14.12 -8.00
C GLY B 321 -5.42 13.76 -8.78
N PRO B 322 -5.42 12.65 -9.57
CA PRO B 322 -4.17 12.08 -10.06
C PRO B 322 -3.22 13.02 -10.84
N GLU B 323 -3.74 13.78 -11.78
CA GLU B 323 -2.85 14.56 -12.68
C GLU B 323 -2.15 15.65 -11.85
N ALA B 324 -2.89 16.42 -11.08
CA ALA B 324 -2.28 17.50 -10.25
C ALA B 324 -1.40 16.90 -9.14
N GLN B 325 -1.82 15.79 -8.57
CA GLN B 325 -1.03 15.04 -7.54
C GLN B 325 0.36 14.69 -8.14
N VAL B 326 0.43 14.09 -9.33
CA VAL B 326 1.77 13.78 -9.95
C VAL B 326 2.50 15.08 -10.24
N ARG B 327 1.87 16.06 -10.87
CA ARG B 327 2.62 17.28 -11.25
C ARG B 327 3.18 17.99 -10.01
N TYR B 328 2.39 18.10 -8.91
CA TYR B 328 2.83 18.88 -7.73
C TYR B 328 3.88 18.07 -6.95
N ALA B 329 3.81 16.75 -6.95
CA ALA B 329 4.87 15.91 -6.34
C ALA B 329 6.20 16.20 -7.06
N GLN B 330 6.19 16.24 -8.39
CA GLN B 330 7.40 16.57 -9.17
C GLN B 330 7.88 17.95 -8.83
N MET B 331 6.98 18.93 -8.77
CA MET B 331 7.42 20.33 -8.51
C MET B 331 8.06 20.42 -7.11
N THR B 332 7.52 19.72 -6.12
CA THR B 332 7.98 19.86 -4.70
C THR B 332 9.10 18.83 -4.34
N GLY B 333 9.31 17.83 -5.17
CA GLY B 333 10.10 16.59 -4.89
C GLY B 333 9.53 15.77 -3.75
N MET B 334 8.20 15.75 -3.58
CA MET B 334 7.49 14.95 -2.53
C MET B 334 6.84 13.71 -3.17
N LEU B 335 6.26 12.81 -2.36
CA LEU B 335 5.40 11.72 -2.85
C LEU B 335 3.99 12.28 -2.90
N PRO B 336 3.20 11.91 -3.94
CA PRO B 336 1.80 12.24 -3.94
C PRO B 336 1.15 11.71 -2.66
N ALA B 337 0.19 12.48 -2.12
CA ALA B 337 -0.66 12.06 -0.99
C ALA B 337 -1.64 10.99 -1.45
N LEU B 338 -2.08 11.07 -2.70
CA LEU B 338 -3.04 10.12 -3.28
C LEU B 338 -2.27 8.91 -3.73
N ARG B 339 -2.54 7.79 -3.07
CA ARG B 339 -1.82 6.53 -3.39
C ARG B 339 -2.03 6.14 -4.86
N SER B 340 -3.23 6.34 -5.42
CA SER B 340 -3.52 6.19 -6.88
C SER B 340 -2.47 6.87 -7.76
N ALA B 341 -1.95 8.03 -7.36
CA ALA B 341 -1.06 8.80 -8.25
C ALA B 341 0.29 8.09 -8.35
N TRP B 342 0.65 7.27 -7.37
CA TRP B 342 1.96 6.57 -7.44
C TRP B 342 1.94 5.56 -8.59
N SER B 343 0.78 5.20 -9.13
CA SER B 343 0.67 4.30 -10.32
C SER B 343 1.02 5.04 -11.60
N ASP B 344 1.15 6.36 -11.55
CA ASP B 344 1.68 7.14 -12.68
C ASP B 344 3.02 6.56 -13.12
N PRO B 345 3.23 6.43 -14.46
CA PRO B 345 4.56 6.18 -15.02
C PRO B 345 5.74 6.94 -14.35
N SER B 346 5.58 8.21 -13.98
CA SER B 346 6.57 9.11 -13.31
C SER B 346 7.28 8.41 -12.14
N PHE B 347 6.51 7.66 -11.35
CA PHE B 347 6.97 6.93 -10.13
C PHE B 347 7.41 5.50 -10.48
N GLN B 348 6.59 4.80 -11.26
CA GLN B 348 6.77 3.36 -11.56
C GLN B 348 8.09 3.17 -12.34
N GLN B 349 8.54 4.21 -13.07
CA GLN B 349 9.72 4.12 -14.00
C GLN B 349 10.96 4.77 -13.36
N ASN B 350 11.21 4.54 -12.06
CA ASN B 350 12.52 4.88 -11.42
C ASN B 350 12.77 3.95 -10.23
N PRO B 351 13.81 3.08 -10.22
CA PRO B 351 14.01 2.11 -9.14
C PRO B 351 14.12 2.72 -7.74
N LEU B 352 14.72 3.90 -7.65
CA LEU B 352 14.93 4.62 -6.38
C LEU B 352 13.56 5.07 -5.87
N LEU B 353 12.68 5.53 -6.76
CA LEU B 353 11.31 5.95 -6.35
C LEU B 353 10.48 4.74 -6.00
N ARG B 354 10.65 3.65 -6.72
CA ARG B 354 9.97 2.38 -6.38
C ARG B 354 10.34 1.98 -4.96
N THR B 355 11.61 2.14 -4.54
CA THR B 355 12.02 1.85 -3.15
C THR B 355 11.30 2.74 -2.13
N PHE B 356 11.13 4.05 -2.40
CA PHE B 356 10.30 4.92 -1.54
C PHE B 356 8.91 4.32 -1.42
N ILE B 357 8.37 3.85 -2.52
CA ILE B 357 6.97 3.34 -2.41
C ILE B 357 6.95 2.07 -1.56
N GLN B 358 8.02 1.26 -1.59
CA GLN B 358 8.12 0.09 -0.69
C GLN B 358 8.14 0.61 0.76
N ALA B 359 8.92 1.60 1.05
CA ALA B 359 9.06 2.16 2.41
C ALA B 359 7.71 2.80 2.85
N ALA B 360 6.98 3.42 1.93
CA ALA B 360 5.60 3.96 2.13
C ALA B 360 4.63 2.94 2.75
N GLN B 361 4.82 1.64 2.54
CA GLN B 361 3.85 0.61 3.02
C GLN B 361 3.88 0.57 4.54
N PHE B 362 4.94 1.11 5.20
CA PHE B 362 5.18 1.08 6.67
C PHE B 362 4.88 2.44 7.27
N GLY B 363 4.23 3.29 6.50
CA GLY B 363 3.94 4.68 6.85
C GLY B 363 3.32 4.77 8.23
N ARG B 364 3.73 5.75 9.00
CA ARG B 364 3.08 6.05 10.29
C ARG B 364 3.20 7.54 10.55
N THR B 365 2.17 8.09 11.17
CA THR B 365 2.18 9.52 11.52
C THR B 365 1.77 9.71 12.98
N TYR B 366 1.99 10.90 13.50
CA TYR B 366 1.54 11.27 14.85
C TYR B 366 0.02 11.29 14.86
N PRO B 367 -0.56 11.02 16.02
CA PRO B 367 -2.00 11.20 16.23
C PRO B 367 -2.37 12.66 15.96
N SER B 368 -3.54 12.85 15.37
CA SER B 368 -4.00 14.17 14.88
CA SER B 368 -4.04 14.16 14.88
C SER B 368 -4.69 14.91 16.03
N LEU B 369 -3.90 15.19 17.06
CA LEU B 369 -4.36 15.77 18.32
C LEU B 369 -4.50 17.29 18.19
N ALA B 370 -5.58 17.79 18.75
CA ALA B 370 -5.82 19.23 18.88
C ALA B 370 -4.64 19.88 19.60
N GLY B 371 -4.03 19.21 20.57
CA GLY B 371 -2.91 19.81 21.30
C GLY B 371 -1.56 19.33 20.80
N TRP B 372 -1.44 18.84 19.56
CA TRP B 372 -0.17 18.27 19.07
C TRP B 372 0.97 19.29 19.18
N GLY B 373 0.77 20.53 18.76
CA GLY B 373 1.91 21.49 18.67
C GLY B 373 2.59 21.68 20.02
N GLY B 374 1.82 21.77 21.11
CA GLY B 374 2.38 21.90 22.47
C GLY B 374 3.12 20.63 22.85
N VAL B 375 2.54 19.47 22.53
CA VAL B 375 3.19 18.14 22.71
C VAL B 375 4.54 18.15 21.99
N GLU B 376 4.58 18.50 20.71
CA GLU B 376 5.82 18.45 19.92
C GLU B 376 6.84 19.47 20.45
N ASN B 377 6.43 20.66 20.83
CA ASN B 377 7.34 21.70 21.40
C ASN B 377 8.04 21.14 22.63
N LEU B 378 7.29 20.49 23.50
CA LEU B 378 7.88 19.95 24.75
C LEU B 378 8.82 18.78 24.39
N ALA B 379 8.41 17.90 23.47
CA ALA B 379 9.21 16.74 23.11
C ALA B 379 10.53 17.23 22.52
N VAL B 380 10.46 18.25 21.67
CA VAL B 380 11.65 18.74 20.92
C VAL B 380 12.58 19.44 21.89
N GLN B 381 12.03 20.14 22.90
CA GLN B 381 12.90 20.85 23.85
C GLN B 381 13.75 19.80 24.55
N HIS B 382 13.12 18.72 25.01
CA HIS B 382 13.81 17.72 25.88
C HIS B 382 14.70 16.78 25.04
N LEU B 383 14.27 16.44 23.82
CA LEU B 383 15.17 15.72 22.89
C LEU B 383 16.38 16.59 22.60
N GLY B 384 16.17 17.90 22.41
CA GLY B 384 17.30 18.82 22.16
C GLY B 384 18.33 18.77 23.26
N MET B 385 17.88 18.67 24.51
CA MET B 385 18.74 18.51 25.72
C MET B 385 19.46 17.16 25.67
N ALA B 386 18.81 16.10 25.24
CA ALA B 386 19.45 14.78 25.10
C ALA B 386 20.57 14.86 24.04
N TRP B 387 20.34 15.48 22.89
CA TRP B 387 21.36 15.65 21.83
C TRP B 387 22.53 16.51 22.29
N ASP B 388 22.29 17.55 23.06
CA ASP B 388 23.38 18.35 23.70
C ASP B 388 24.30 17.42 24.53
N LEU B 389 23.71 16.53 25.33
CA LEU B 389 24.51 15.52 26.10
C LEU B 389 25.26 14.63 25.12
N VAL B 390 24.57 14.19 24.06
CA VAL B 390 25.22 13.35 23.01
C VAL B 390 26.44 14.08 22.42
N ALA B 391 26.36 15.38 22.08
CA ALA B 391 27.48 16.18 21.53
C ALA B 391 28.66 16.19 22.48
N GLN B 392 28.41 16.10 23.78
CA GLN B 392 29.48 16.11 24.81
C GLN B 392 29.85 14.67 25.21
N GLY B 393 29.24 13.64 24.62
CA GLY B 393 29.50 12.24 24.92
C GLY B 393 29.02 11.87 26.29
N ARG B 394 27.93 12.50 26.72
CA ARG B 394 27.52 12.54 28.14
C ARG B 394 26.18 11.81 28.30
N LEU B 395 25.60 11.29 27.24
CA LEU B 395 24.26 10.67 27.39
C LEU B 395 24.39 9.32 28.09
N THR B 396 23.52 9.04 29.07
CA THR B 396 23.31 7.69 29.66
C THR B 396 21.84 7.31 29.53
N ARG B 397 21.48 6.05 29.65
CA ARG B 397 20.06 5.64 29.77
C ARG B 397 19.39 6.38 30.94
N GLU B 398 20.03 6.53 32.10
CA GLU B 398 19.39 7.22 33.24
C GLU B 398 19.21 8.72 32.92
N ALA B 399 20.20 9.41 32.31
CA ALA B 399 20.03 10.84 31.93
C ALA B 399 18.88 11.00 30.93
N LEU B 400 18.81 10.10 29.97
CA LEU B 400 17.74 10.09 28.96
C LEU B 400 16.39 9.98 29.67
N LYS B 401 16.31 9.05 30.63
CA LYS B 401 15.03 8.74 31.30
C LYS B 401 14.60 9.99 32.05
N ASP B 402 15.54 10.60 32.76
CA ASP B 402 15.24 11.78 33.59
C ASP B 402 14.68 12.86 32.66
N LEU B 403 15.26 13.04 31.47
CA LEU B 403 14.82 14.07 30.51
C LEU B 403 13.41 13.73 29.99
N MET B 404 13.13 12.49 29.65
CA MET B 404 11.82 12.07 29.11
C MET B 404 10.77 12.04 30.23
N ASP B 405 11.15 11.74 31.49
CA ASP B 405 10.19 11.83 32.62
C ASP B 405 9.71 13.27 32.70
N LYS B 406 10.65 14.19 32.59
CA LYS B 406 10.40 15.62 32.69
C LYS B 406 9.54 16.05 31.50
N ALA B 407 9.87 15.66 30.26
CA ALA B 407 9.01 16.00 29.09
C ALA B 407 7.60 15.44 29.33
N SER B 408 7.51 14.21 29.84
CA SER B 408 6.20 13.52 30.02
C SER B 408 5.35 14.26 31.04
N ALA B 409 5.94 14.84 32.12
CA ALA B 409 5.14 15.53 33.13
C ALA B 409 4.51 16.76 32.48
N ALA B 410 5.30 17.53 31.72
CA ALA B 410 4.86 18.75 31.04
C ALA B 410 3.84 18.39 29.95
N ILE B 411 4.09 17.36 29.16
CA ILE B 411 3.15 16.90 28.11
C ILE B 411 1.83 16.49 28.75
N ASN B 412 1.84 15.75 29.85
CA ASN B 412 0.56 15.29 30.44
C ASN B 412 -0.19 16.49 30.97
N GLN B 413 0.47 17.48 31.58
CA GLN B 413 -0.19 18.75 31.95
C GLN B 413 -0.84 19.36 30.70
N ALA B 414 -0.08 19.58 29.62
CA ALA B 414 -0.57 20.18 28.35
C ALA B 414 -1.83 19.43 27.86
N LEU B 415 -1.76 18.11 27.84
CA LEU B 415 -2.86 17.25 27.33
C LEU B 415 -4.06 17.32 28.28
N ARG B 416 -3.94 17.92 29.47
CA ARG B 416 -5.07 17.95 30.43
C ARG B 416 -5.82 19.27 30.30
C2 BGC C . -2.91 -8.29 -11.78
C3 BGC C . -2.45 -7.29 -10.73
C4 BGC C . -3.68 -6.63 -10.13
C5 BGC C . -4.58 -7.73 -9.65
C6 BGC C . -5.84 -7.22 -9.05
C1 BGC C . -3.81 -9.31 -11.12
O1 BGC C . -4.22 -10.38 -11.96
O2 BGC C . -1.79 -8.96 -12.31
O3 BGC C . -1.59 -6.32 -11.34
O4 BGC C . -3.37 -5.87 -8.99
O5 BGC C . -4.94 -8.55 -10.76
O6 BGC C . -6.68 -8.36 -8.86
C2 BGC C . -8.74 -9.08 -7.65
C3 BGC C . -10.10 -8.58 -7.14
C4 BGC C . -9.88 -7.29 -6.34
C5 BGC C . -8.98 -6.28 -7.06
C6 BGC C . -8.66 -5.02 -6.23
C1 BGC C . -7.97 -7.97 -8.39
O2 BGC C . -8.88 -10.27 -8.41
O3 BGC C . -10.75 -9.56 -6.31
O4 BGC C . -11.18 -6.72 -6.04
O5 BGC C . -7.74 -6.86 -7.48
O6 BGC C . -7.68 -5.29 -5.21
C2 BGC D . 10.78 22.32 4.29
C3 BGC D . 10.99 22.95 5.67
C4 BGC D . 9.65 22.95 6.33
C5 BGC D . 9.11 21.54 6.37
C6 BGC D . 7.77 21.58 7.06
C1 BGC D . 10.27 20.89 4.45
O1 BGC D . 10.17 20.19 3.21
O2 BGC D . 12.01 22.31 3.57
O3 BGC D . 11.46 24.30 5.67
O4 BGC D . 9.83 23.44 7.66
O5 BGC D . 9.00 20.93 5.09
O6 BGC D . 7.46 20.23 7.42
C2 BGC D . 5.66 18.72 7.75
C3 BGC D . 4.24 18.60 8.34
C4 BGC D . 4.07 19.45 9.61
C5 BGC D . 4.57 20.88 9.32
C6 BGC D . 4.45 21.87 10.46
C1 BGC D . 6.09 20.18 7.68
O2 BGC D . 5.90 18.14 6.42
O3 BGC D . 3.92 17.23 8.62
O4 BGC D . 2.71 19.44 10.08
O5 BGC D . 5.93 20.84 8.90
O6 BGC D . 5.25 21.50 11.55
CL CL E . 0.88 -18.23 -0.86
CL CL F . -13.68 -12.96 5.81
S SO4 G . 1.81 -7.66 -6.50
O1 SO4 G . 2.70 -6.55 -6.46
O2 SO4 G . 1.50 -7.98 -7.86
O3 SO4 G . 2.43 -8.78 -5.86
O4 SO4 G . 0.58 -7.33 -5.82
C1 PGO H . 4.15 -18.37 22.16
C2 PGO H . 5.31 -18.71 21.27
C3 PGO H . 6.24 -19.71 21.89
O1 PGO H . 3.78 -17.00 22.03
O2 PGO H . 4.82 -19.22 20.04
CL CL I . 3.03 8.52 18.43
C CO2 J . 31.50 21.55 31.57
O1 CO2 J . 30.64 21.05 32.17
O2 CO2 J . 32.13 22.16 30.83
C1 EDO K . 36.56 -8.54 7.12
O1 EDO K . 36.72 -9.79 7.77
C2 EDO K . 37.30 -7.46 7.80
O2 EDO K . 37.69 -6.48 6.87
S SO3 L . 7.62 32.86 -6.67
O1 SO3 L . 6.97 31.92 -7.66
O2 SO3 L . 6.90 32.61 -5.34
O3 SO3 L . 9.01 32.32 -6.51
S SO4 M . 15.53 22.47 9.96
O1 SO4 M . 16.03 23.76 10.41
O2 SO4 M . 15.24 22.55 8.57
O3 SO4 M . 16.55 21.48 10.20
O4 SO4 M . 14.34 22.12 10.70
S SO4 N . 23.40 3.89 31.75
O1 SO4 N . 24.76 4.06 32.21
O2 SO4 N . 23.36 4.17 30.33
O3 SO4 N . 22.96 2.52 31.99
O4 SO4 N . 22.53 4.81 32.50
#